data_9D8Z
#
_entry.id   9D8Z
#
_cell.length_a   52.438
_cell.length_b   71.205
_cell.length_c   158.979
_cell.angle_alpha   90.00
_cell.angle_beta   90.00
_cell.angle_gamma   90.00
#
_symmetry.space_group_name_H-M   'P 21 21 21'
#
loop_
_entity.id
_entity.type
_entity.pdbx_description
1 polymer 'Activin receptor type-1'
2 non-polymer 1-[(1r,3r)-3-(methylcarbamoyl)cyclobutyl]-N-[(1-methylpiperidin-4-yl)methyl]-2-(3,4,5-trimethoxyphenyl)-1H-1,3-benzimidazole-6-carboxamide
3 non-polymer 'PHOSPHATE ION'
4 water water
#
_entity_poly.entity_id   1
_entity_poly.type   'polypeptide(L)'
_entity_poly.pdbx_seq_one_letter_code
;STLADLLDHSCTSGSGSGLPFLVQRTVARQITLLECVGKGRYGEVWRGSWQGENVAVKIFSSRDEKSWFRETELYNTVML
RHENILGFIASDMTSRHSSTQLWLITHYHEMGSLYDYLQLTTLDTVSCLRIVLSIASGLAHLHIEIFGTQGKPAIAHRDL
KSKNILVKKNGQCCIADLGLAVMHSQSTNQLDVGNNPRVGTKRYMAPEVLDETIQVDCFDSYKRVDIWAFGLVLWEVARR
MVSNGIVEDYKPPFYDVVPNDPSFEDMRKVVCVDQQRPNIPNRWFSDPTLTSLAKLMKECWYQNPSARLTALRIKKTLTK
IDNSLDKLKTDC
;
_entity_poly.pdbx_strand_id   A,B
#
loop_
_chem_comp.id
_chem_comp.type
_chem_comp.name
_chem_comp.formula
A1A3D non-polymer 1-[(1r,3r)-3-(methylcarbamoyl)cyclobutyl]-N-[(1-methylpiperidin-4-yl)methyl]-2-(3,4,5-trimethoxyphenyl)-1H-1,3-benzimidazole-6-carboxamide 'C30 H39 N5 O5'
PO4 non-polymer 'PHOSPHATE ION' 'O4 P -3'
#
# COMPACT_ATOMS: atom_id res chain seq x y z
N THR A 26 -22.94 12.69 13.89
CA THR A 26 -22.39 13.38 15.06
C THR A 26 -21.70 14.69 14.67
N VAL A 27 -20.99 15.26 15.65
CA VAL A 27 -20.14 16.46 15.49
C VAL A 27 -20.93 17.66 15.01
N ALA A 28 -21.72 17.50 13.94
CA ALA A 28 -22.50 18.65 13.44
C ALA A 28 -23.33 19.26 14.56
N ARG A 29 -23.81 18.43 15.48
CA ARG A 29 -24.56 18.94 16.62
C ARG A 29 -23.66 19.73 17.54
N GLN A 30 -22.46 19.22 17.80
CA GLN A 30 -21.55 19.84 18.75
C GLN A 30 -20.92 21.13 18.23
N ILE A 31 -21.11 21.45 16.96
CA ILE A 31 -20.40 22.52 16.30
C ILE A 31 -21.25 23.78 16.25
N THR A 32 -20.68 24.88 16.71
CA THR A 32 -21.24 26.21 16.50
C THR A 32 -20.47 26.91 15.39
N LEU A 33 -21.18 27.54 14.48
CA LEU A 33 -20.56 28.33 13.43
C LEU A 33 -20.33 29.76 13.95
N LEU A 34 -19.11 30.24 13.80
CA LEU A 34 -18.75 31.55 14.36
C LEU A 34 -18.58 32.61 13.30
N GLU A 35 -17.91 32.32 12.19
CA GLU A 35 -17.72 33.36 11.18
C GLU A 35 -17.43 32.69 9.85
N CYS A 36 -18.07 33.21 8.80
CA CYS A 36 -17.89 32.68 7.46
C CYS A 36 -16.62 33.27 6.86
N VAL A 37 -15.66 32.41 6.53
CA VAL A 37 -14.37 32.86 6.00
C VAL A 37 -14.27 32.64 4.50
N GLY A 38 -15.32 32.18 3.87
CA GLY A 38 -15.31 31.99 2.44
C GLY A 38 -16.69 31.67 1.92
N LYS A 39 -17.03 32.24 0.77
CA LYS A 39 -18.33 31.98 0.18
C LYS A 39 -18.19 32.08 -1.32
N GLY A 40 -18.67 31.06 -2.02
CA GLY A 40 -18.58 31.03 -3.46
C GLY A 40 -19.54 30.01 -4.04
N ARG A 41 -19.31 29.69 -5.32
CA ARG A 41 -20.13 28.69 -5.98
C ARG A 41 -20.03 27.35 -5.28
N TYR A 42 -18.87 27.08 -4.65
CA TYR A 42 -18.66 25.83 -3.94
C TYR A 42 -19.57 25.70 -2.71
N GLY A 43 -20.08 26.82 -2.21
CA GLY A 43 -20.84 26.88 -0.98
C GLY A 43 -20.29 27.92 -0.02
N GLU A 44 -19.99 27.51 1.22
CA GLU A 44 -19.43 28.38 2.22
C GLU A 44 -18.40 27.62 3.04
N VAL A 45 -17.41 28.35 3.55
CA VAL A 45 -16.50 27.83 4.55
C VAL A 45 -16.61 28.72 5.78
N TRP A 46 -16.77 28.07 6.91
CA TRP A 46 -16.94 28.73 8.20
C TRP A 46 -15.81 28.33 9.13
N ARG A 47 -15.42 29.27 9.98
CA ARG A 47 -14.74 28.95 11.22
C ARG A 47 -15.84 28.58 12.23
N GLY A 48 -15.77 27.35 12.74
CA GLY A 48 -16.70 26.89 13.75
C GLY A 48 -15.96 26.49 15.02
N SER A 49 -16.73 26.21 16.06
CA SER A 49 -16.19 25.76 17.33
C SER A 49 -16.76 24.38 17.62
N TRP A 50 -15.89 23.45 17.96
CA TRP A 50 -16.29 22.11 18.34
C TRP A 50 -15.65 21.80 19.69
N GLN A 51 -16.45 21.81 20.75
CA GLN A 51 -15.91 21.67 22.10
C GLN A 51 -14.86 22.76 22.36
N GLY A 52 -15.16 23.98 21.93
CA GLY A 52 -14.29 25.11 22.16
C GLY A 52 -13.07 25.17 21.26
N GLU A 53 -12.95 24.26 20.30
CA GLU A 53 -11.81 24.22 19.40
C GLU A 53 -12.22 24.69 18.01
N ASN A 54 -11.39 25.52 17.40
CA ASN A 54 -11.63 25.95 16.03
C ASN A 54 -11.61 24.75 15.09
N VAL A 55 -12.62 24.67 14.21
CA VAL A 55 -12.65 23.74 13.09
C VAL A 55 -13.05 24.54 11.88
N ALA A 56 -12.67 24.05 10.70
CA ALA A 56 -13.17 24.59 9.44
C ALA A 56 -14.33 23.73 8.99
N VAL A 57 -15.45 24.37 8.64
CA VAL A 57 -16.65 23.67 8.19
C VAL A 57 -16.95 24.15 6.77
N LYS A 58 -16.94 23.24 5.82
CA LYS A 58 -17.37 23.57 4.46
C LYS A 58 -18.78 23.03 4.28
N ILE A 59 -19.69 23.92 3.94
CA ILE A 59 -21.08 23.59 3.64
C ILE A 59 -21.22 23.64 2.11
N PHE A 60 -21.41 22.47 1.49
CA PHE A 60 -21.34 22.40 0.04
C PHE A 60 -22.60 22.97 -0.61
N SER A 61 -22.41 23.65 -1.73
CA SER A 61 -23.52 23.98 -2.61
C SER A 61 -24.11 22.70 -3.21
N SER A 62 -25.39 22.76 -3.56
CA SER A 62 -26.00 21.63 -4.25
C SER A 62 -25.21 21.31 -5.51
N ARG A 63 -24.75 22.33 -6.22
CA ARG A 63 -23.96 22.15 -7.43
C ARG A 63 -22.80 21.17 -7.20
N ASP A 64 -22.14 21.27 -6.05
CA ASP A 64 -20.96 20.47 -5.77
C ASP A 64 -21.23 19.31 -4.83
N GLU A 65 -22.48 18.86 -4.70
CA GLU A 65 -22.79 17.79 -3.75
C GLU A 65 -21.98 16.54 -4.00
N LYS A 66 -21.71 16.22 -5.26
CA LYS A 66 -20.96 14.96 -5.50
C LYS A 66 -19.52 15.07 -5.07
N SER A 67 -18.94 16.27 -5.13
CA SER A 67 -17.62 16.50 -4.56
C SER A 67 -17.59 16.22 -3.07
N TRP A 68 -18.64 16.63 -2.34
CA TRP A 68 -18.71 16.31 -0.92
C TRP A 68 -18.63 14.82 -0.72
N PHE A 69 -19.37 14.05 -1.53
CA PHE A 69 -19.39 12.60 -1.32
C PHE A 69 -18.04 12.01 -1.63
N ARG A 70 -17.43 12.40 -2.75
CA ARG A 70 -16.15 11.82 -3.14
C ARG A 70 -15.09 12.15 -2.10
N GLU A 71 -15.09 13.38 -1.63
CA GLU A 71 -14.08 13.79 -0.65
C GLU A 71 -14.30 13.06 0.65
N THR A 72 -15.56 12.97 1.10
CA THR A 72 -15.88 12.25 2.32
C THR A 72 -15.44 10.80 2.23
N GLU A 73 -15.67 10.17 1.08
CA GLU A 73 -15.39 8.74 1.00
C GLU A 73 -13.89 8.51 0.91
N LEU A 74 -13.16 9.40 0.25
CA LEU A 74 -11.72 9.28 0.19
C LEU A 74 -11.13 9.38 1.58
N TYR A 75 -11.51 10.44 2.33
CA TYR A 75 -10.96 10.62 3.67
C TYR A 75 -11.36 9.52 4.62
N ASN A 76 -12.56 8.98 4.47
CA ASN A 76 -13.00 7.91 5.37
C ASN A 76 -12.40 6.55 5.05
N THR A 77 -11.93 6.33 3.83
CA THR A 77 -11.41 5.04 3.44
C THR A 77 -9.90 4.99 3.34
N VAL A 78 -9.24 6.14 3.25
CA VAL A 78 -7.80 6.20 3.01
C VAL A 78 -7.16 6.85 4.22
N MET A 79 -6.15 6.18 4.78
CA MET A 79 -5.34 6.79 5.81
C MET A 79 -4.55 7.92 5.15
N LEU A 80 -5.08 9.13 5.20
CA LEU A 80 -4.46 10.24 4.51
C LEU A 80 -4.02 11.28 5.52
N ARG A 81 -3.35 10.84 6.58
CA ARG A 81 -2.80 11.74 7.57
C ARG A 81 -1.39 12.10 7.15
N HIS A 82 -1.19 13.35 6.78
CA HIS A 82 0.12 13.85 6.40
C HIS A 82 0.14 15.32 6.77
N GLU A 83 1.28 15.79 7.28
CA GLU A 83 1.38 17.18 7.72
C GLU A 83 1.04 18.16 6.59
N ASN A 84 1.18 17.76 5.34
CA ASN A 84 0.99 18.66 4.22
C ASN A 84 -0.25 18.32 3.40
N ILE A 85 -1.21 17.64 4.01
CA ILE A 85 -2.54 17.45 3.45
C ILE A 85 -3.56 17.90 4.51
N LEU A 86 -4.57 18.63 4.09
CA LEU A 86 -5.57 19.11 5.04
C LEU A 86 -6.13 17.96 5.85
N GLY A 87 -6.09 18.12 7.19
CA GLY A 87 -6.58 17.15 8.13
C GLY A 87 -8.09 17.07 8.24
N PHE A 88 -8.65 15.91 7.84
CA PHE A 88 -10.06 15.62 7.95
C PHE A 88 -10.47 15.30 9.38
N ILE A 89 -11.65 15.79 9.78
CA ILE A 89 -12.21 15.47 11.08
C ILE A 89 -13.47 14.63 10.94
N ALA A 90 -14.42 15.10 10.15
CA ALA A 90 -15.71 14.41 10.07
C ALA A 90 -16.46 14.97 8.88
N SER A 91 -17.44 14.21 8.44
CA SER A 91 -18.43 14.67 7.46
C SER A 91 -19.82 14.39 8.00
N ASP A 92 -20.79 15.21 7.62
CA ASP A 92 -22.13 14.97 8.12
C ASP A 92 -23.16 15.47 7.13
N MET A 93 -24.35 14.87 7.22
CA MET A 93 -25.54 15.27 6.50
C MET A 93 -26.52 15.77 7.55
N THR A 94 -26.95 17.03 7.42
CA THR A 94 -27.75 17.67 8.45
C THR A 94 -28.75 18.60 7.79
N SER A 95 -30.03 18.42 8.09
CA SER A 95 -31.07 19.30 7.57
C SER A 95 -31.25 20.47 8.54
N ARG A 96 -31.10 21.69 8.02
CA ARG A 96 -31.12 22.88 8.85
C ARG A 96 -32.13 23.90 8.35
N HIS A 97 -31.86 24.49 7.18
CA HIS A 97 -32.71 25.56 6.66
C HIS A 97 -33.83 24.99 5.78
N SER A 98 -34.62 24.10 6.38
CA SER A 98 -35.64 23.35 5.67
C SER A 98 -35.07 22.52 4.53
N SER A 99 -33.75 22.38 4.47
CA SER A 99 -33.06 21.64 3.44
C SER A 99 -31.87 20.95 4.06
N THR A 100 -31.42 19.88 3.43
CA THR A 100 -30.27 19.15 3.95
C THR A 100 -28.99 19.88 3.60
N GLN A 101 -28.10 19.95 4.57
CA GLN A 101 -26.79 20.55 4.43
C GLN A 101 -25.74 19.46 4.41
N LEU A 102 -24.77 19.61 3.53
CA LEU A 102 -23.66 18.68 3.42
C LEU A 102 -22.41 19.33 3.99
N TRP A 103 -21.92 18.80 5.10
CA TRP A 103 -20.82 19.39 5.85
C TRP A 103 -19.55 18.55 5.75
N LEU A 104 -18.43 19.25 5.53
CA LEU A 104 -17.09 18.67 5.63
C LEU A 104 -16.36 19.46 6.70
N ILE A 105 -15.88 18.78 7.72
CA ILE A 105 -15.24 19.43 8.86
C ILE A 105 -13.77 19.01 8.93
N THR A 106 -12.87 19.98 8.95
CA THR A 106 -11.44 19.77 8.90
C THR A 106 -10.73 20.64 9.95
N HIS A 107 -9.43 20.41 10.11
CA HIS A 107 -8.65 21.33 10.91
C HIS A 107 -8.80 22.75 10.36
N TYR A 108 -8.69 23.71 11.25
CA TYR A 108 -8.81 25.12 10.91
C TYR A 108 -7.43 25.76 10.87
N HIS A 109 -7.07 26.28 9.70
CA HIS A 109 -5.79 26.93 9.50
C HIS A 109 -6.07 28.42 9.41
N GLU A 110 -5.89 29.10 10.54
CA GLU A 110 -6.31 30.51 10.66
C GLU A 110 -5.64 31.42 9.63
N MET A 111 -4.52 31.02 9.06
CA MET A 111 -3.87 31.86 8.07
CA MET A 111 -3.87 31.86 8.07
CA MET A 111 -3.87 31.86 8.07
C MET A 111 -4.62 31.86 6.75
N GLY A 112 -5.45 30.87 6.50
CA GLY A 112 -6.20 30.85 5.26
C GLY A 112 -5.37 30.35 4.09
N SER A 113 -5.86 30.67 2.89
CA SER A 113 -5.34 30.06 1.69
C SER A 113 -3.99 30.68 1.30
N LEU A 114 -3.21 29.91 0.54
CA LEU A 114 -1.97 30.44 0.00
C LEU A 114 -2.26 31.62 -0.91
N TYR A 115 -3.32 31.51 -1.71
CA TYR A 115 -3.71 32.63 -2.57
C TYR A 115 -3.84 33.93 -1.78
N ASP A 116 -4.57 33.90 -0.68
CA ASP A 116 -4.78 35.15 0.06
C ASP A 116 -3.52 35.58 0.80
N TYR A 117 -2.79 34.62 1.41
CA TYR A 117 -1.57 34.95 2.12
C TYR A 117 -0.55 35.67 1.21
N LEU A 118 -0.38 35.19 -0.02
CA LEU A 118 0.63 35.77 -0.89
C LEU A 118 0.34 37.22 -1.26
N GLN A 119 -0.92 37.64 -1.16
CA GLN A 119 -1.25 39.03 -1.44
C GLN A 119 -1.02 39.94 -0.25
N LEU A 120 -0.75 39.38 0.93
CA LEU A 120 -0.55 40.18 2.12
C LEU A 120 0.90 40.39 2.48
N THR A 121 1.80 39.52 2.01
CA THR A 121 3.16 39.59 2.47
C THR A 121 4.10 39.05 1.42
N THR A 122 5.37 39.40 1.56
CA THR A 122 6.44 38.82 0.78
C THR A 122 7.19 37.78 1.62
N LEU A 123 8.10 37.08 0.96
CA LEU A 123 8.79 35.94 1.52
C LEU A 123 10.29 36.17 1.49
N ASP A 124 10.98 35.70 2.51
CA ASP A 124 12.43 35.60 2.41
C ASP A 124 12.75 34.23 1.81
N THR A 125 14.02 33.87 1.76
CA THR A 125 14.41 32.63 1.08
C THR A 125 13.90 31.41 1.82
N VAL A 126 14.00 31.38 3.15
CA VAL A 126 13.60 30.19 3.90
C VAL A 126 12.08 30.02 3.88
N SER A 127 11.34 31.11 4.06
CA SER A 127 9.88 31.02 4.03
CA SER A 127 9.88 31.01 4.03
C SER A 127 9.39 30.55 2.66
N CYS A 128 10.05 30.99 1.60
CA CYS A 128 9.65 30.57 0.26
C CYS A 128 9.89 29.08 0.07
N LEU A 129 11.10 28.62 0.41
CA LEU A 129 11.43 27.22 0.23
C LEU A 129 10.52 26.33 1.07
N ARG A 130 10.26 26.73 2.31
CA ARG A 130 9.44 25.92 3.20
C ARG A 130 8.03 25.76 2.62
N ILE A 131 7.50 26.81 2.01
CA ILE A 131 6.20 26.73 1.36
C ILE A 131 6.24 25.73 0.21
N VAL A 132 7.16 25.91 -0.73
CA VAL A 132 7.13 25.11 -1.93
C VAL A 132 7.52 23.66 -1.63
N LEU A 133 8.49 23.44 -0.76
CA LEU A 133 8.84 22.07 -0.40
C LEU A 133 7.66 21.37 0.30
N SER A 134 6.94 22.08 1.15
CA SER A 134 5.86 21.43 1.87
C SER A 134 4.76 21.05 0.89
N ILE A 135 4.54 21.88 -0.13
CA ILE A 135 3.57 21.52 -1.15
C ILE A 135 4.04 20.29 -1.92
N ALA A 136 5.31 20.29 -2.33
CA ALA A 136 5.87 19.11 -3.00
C ALA A 136 5.74 17.87 -2.11
N SER A 137 5.98 18.02 -0.82
CA SER A 137 5.90 16.86 0.07
C SER A 137 4.47 16.33 0.10
N GLY A 138 3.49 17.23 0.31
CA GLY A 138 2.11 16.82 0.32
C GLY A 138 1.68 16.18 -0.99
N LEU A 139 2.14 16.75 -2.10
CA LEU A 139 1.74 16.21 -3.40
C LEU A 139 2.41 14.87 -3.67
N ALA A 140 3.69 14.73 -3.31
CA ALA A 140 4.33 13.44 -3.44
C ALA A 140 3.60 12.39 -2.61
N HIS A 141 3.20 12.74 -1.38
CA HIS A 141 2.48 11.79 -0.57
C HIS A 141 1.14 11.42 -1.21
N LEU A 142 0.45 12.40 -1.76
CA LEU A 142 -0.79 12.08 -2.48
C LEU A 142 -0.51 11.11 -3.62
N HIS A 143 0.53 11.41 -4.40
CA HIS A 143 0.78 10.64 -5.62
C HIS A 143 1.23 9.20 -5.34
N ILE A 144 1.95 8.98 -4.26
CA ILE A 144 2.61 7.69 -4.08
C ILE A 144 1.57 6.64 -3.72
N GLU A 145 1.68 5.48 -4.37
CA GLU A 145 0.92 4.31 -3.93
C GLU A 145 1.75 3.55 -2.91
N ILE A 146 1.16 3.25 -1.76
CA ILE A 146 1.80 2.40 -0.76
C ILE A 146 0.92 1.18 -0.61
N PHE A 147 1.48 0.01 -0.89
CA PHE A 147 0.71 -1.21 -0.80
C PHE A 147 0.29 -1.51 0.62
N GLY A 148 -0.91 -2.08 0.75
CA GLY A 148 -1.32 -2.81 1.94
C GLY A 148 -2.13 -1.94 2.88
N THR A 149 -2.62 -2.58 3.93
CA THR A 149 -3.05 -1.82 5.09
C THR A 149 -1.86 -1.02 5.59
N GLN A 150 -2.13 0.10 6.24
CA GLN A 150 -1.12 1.09 6.61
C GLN A 150 -0.60 1.81 5.36
N GLY A 151 -1.11 1.48 4.17
CA GLY A 151 -0.74 2.13 2.95
C GLY A 151 -1.85 2.98 2.36
N LYS A 152 -1.77 3.21 1.06
CA LYS A 152 -2.70 4.12 0.41
C LYS A 152 -2.63 3.95 -1.10
N PRO A 153 -3.74 4.08 -1.81
CA PRO A 153 -3.67 4.17 -3.27
C PRO A 153 -3.01 5.47 -3.68
N ALA A 154 -2.47 5.48 -4.91
CA ALA A 154 -2.07 6.74 -5.50
C ALA A 154 -3.30 7.62 -5.66
N ILE A 155 -3.09 8.94 -5.53
CA ILE A 155 -4.16 9.92 -5.65
C ILE A 155 -3.64 11.06 -6.51
N ALA A 156 -4.40 11.43 -7.54
CA ALA A 156 -4.15 12.64 -8.31
C ALA A 156 -5.21 13.67 -7.91
N HIS A 157 -4.79 14.90 -7.71
CA HIS A 157 -5.63 15.94 -7.12
C HIS A 157 -6.62 16.53 -8.12
N ARG A 158 -6.14 16.94 -9.29
CA ARG A 158 -6.91 17.45 -10.41
C ARG A 158 -7.42 18.88 -10.23
N ASP A 159 -7.17 19.54 -9.10
CA ASP A 159 -7.55 20.95 -8.99
C ASP A 159 -6.54 21.67 -8.10
N LEU A 160 -5.25 21.38 -8.31
CA LEU A 160 -4.18 22.00 -7.53
C LEU A 160 -4.05 23.45 -7.97
N LYS A 161 -4.10 24.35 -7.00
CA LYS A 161 -3.91 25.79 -7.23
C LYS A 161 -3.73 26.45 -5.88
N SER A 162 -3.38 27.73 -5.89
CA SER A 162 -3.09 28.43 -4.65
C SER A 162 -4.30 28.57 -3.76
N LYS A 163 -5.48 28.71 -4.34
CA LYS A 163 -6.70 28.79 -3.53
C LYS A 163 -7.05 27.47 -2.87
N ASN A 164 -6.49 26.36 -3.33
CA ASN A 164 -6.73 25.06 -2.72
C ASN A 164 -5.55 24.59 -1.87
N ILE A 165 -4.75 25.52 -1.39
CA ILE A 165 -3.62 25.25 -0.52
C ILE A 165 -3.74 26.19 0.68
N LEU A 166 -3.57 25.66 1.89
CA LEU A 166 -3.70 26.43 3.12
C LEU A 166 -2.32 26.58 3.79
N VAL A 167 -2.11 27.72 4.44
CA VAL A 167 -0.82 28.02 5.06
C VAL A 167 -0.94 27.75 6.55
N LYS A 168 0.12 27.19 7.11
CA LYS A 168 0.19 26.90 8.55
C LYS A 168 1.08 27.92 9.24
N LYS A 169 0.88 28.06 10.55
CA LYS A 169 1.68 29.03 11.31
C LYS A 169 3.17 28.70 11.25
N ASN A 170 3.52 27.42 11.22
CA ASN A 170 4.93 27.08 11.07
C ASN A 170 5.49 27.39 9.69
N GLY A 171 4.69 27.95 8.78
CA GLY A 171 5.17 28.35 7.47
C GLY A 171 5.10 27.28 6.41
N GLN A 172 4.76 26.05 6.78
CA GLN A 172 4.45 25.03 5.81
C GLN A 172 3.02 25.19 5.35
N CYS A 173 2.69 24.53 4.27
CA CYS A 173 1.35 24.50 3.68
C CYS A 173 0.78 23.08 3.76
N CYS A 174 -0.52 22.99 3.60
CA CYS A 174 -1.17 21.71 3.35
C CYS A 174 -2.11 21.80 2.16
N ILE A 175 -2.17 20.72 1.40
CA ILE A 175 -3.01 20.71 0.20
C ILE A 175 -4.44 20.39 0.61
N ALA A 176 -5.38 21.09 0.01
CA ALA A 176 -6.80 20.92 0.37
C ALA A 176 -7.66 20.62 -0.86
N ASP A 177 -8.89 20.16 -0.58
CA ASP A 177 -9.97 20.05 -1.55
C ASP A 177 -9.77 18.84 -2.45
N LEU A 178 -10.18 17.67 -1.97
CA LEU A 178 -9.99 16.42 -2.67
C LEU A 178 -11.25 15.99 -3.42
N GLY A 179 -12.18 16.92 -3.70
CA GLY A 179 -13.45 16.52 -4.28
C GLY A 179 -13.38 16.11 -5.75
N LEU A 180 -12.35 16.51 -6.45
CA LEU A 180 -12.10 16.02 -7.80
C LEU A 180 -11.01 14.97 -7.88
N ALA A 181 -10.48 14.53 -6.76
CA ALA A 181 -9.34 13.62 -6.79
C ALA A 181 -9.74 12.27 -7.37
N VAL A 182 -8.78 11.62 -8.01
CA VAL A 182 -8.96 10.28 -8.55
C VAL A 182 -7.91 9.38 -7.94
N MET A 183 -8.31 8.17 -7.58
CA MET A 183 -7.46 7.19 -6.91
C MET A 183 -7.14 6.02 -7.83
N HIS A 184 -5.98 5.43 -7.61
CA HIS A 184 -5.54 4.29 -8.41
C HIS A 184 -4.79 3.31 -7.53
N SER A 185 -5.10 2.02 -7.68
CA SER A 185 -4.29 0.96 -7.10
C SER A 185 -4.35 -0.23 -8.05
N GLN A 186 -3.67 -1.32 -7.66
CA GLN A 186 -3.70 -2.54 -8.44
C GLN A 186 -4.99 -3.32 -8.28
N SER A 187 -5.95 -2.78 -7.53
CA SER A 187 -7.24 -3.47 -7.36
C SER A 187 -8.09 -3.37 -8.63
N THR A 188 -8.06 -2.22 -9.30
CA THR A 188 -8.86 -2.02 -10.50
C THR A 188 -8.13 -1.14 -11.50
N ASN A 189 -8.48 -1.34 -12.77
CA ASN A 189 -8.01 -0.48 -13.86
C ASN A 189 -8.93 0.70 -14.13
N GLN A 190 -10.20 0.59 -13.77
CA GLN A 190 -11.15 1.66 -14.04
C GLN A 190 -11.04 2.75 -12.97
N LEU A 191 -11.08 3.99 -13.43
CA LEU A 191 -10.94 5.16 -12.59
C LEU A 191 -12.29 5.84 -12.43
N ASP A 192 -12.52 6.41 -11.23
CA ASP A 192 -13.74 7.14 -10.93
C ASP A 192 -13.62 8.57 -11.46
N VAL A 193 -13.63 8.68 -12.79
CA VAL A 193 -13.55 9.96 -13.49
C VAL A 193 -14.68 10.01 -14.52
N GLY A 194 -15.30 11.16 -14.66
CA GLY A 194 -16.32 11.35 -15.68
C GLY A 194 -15.72 11.34 -17.07
N ASN A 195 -16.60 11.51 -18.06
CA ASN A 195 -16.13 11.55 -19.44
C ASN A 195 -15.52 12.91 -19.78
N ASN A 196 -15.93 13.97 -19.10
CA ASN A 196 -15.36 15.28 -19.34
C ASN A 196 -14.05 15.44 -18.58
N PRO A 197 -12.91 15.61 -19.26
CA PRO A 197 -11.64 15.82 -18.55
C PRO A 197 -11.43 17.24 -18.04
N ARG A 198 -12.22 18.20 -18.50
CA ARG A 198 -11.99 19.62 -18.17
C ARG A 198 -12.75 19.99 -16.90
N VAL A 199 -12.27 19.44 -15.79
CA VAL A 199 -12.99 19.51 -14.51
C VAL A 199 -12.40 20.58 -13.61
N GLY A 200 -11.13 20.88 -13.76
CA GLY A 200 -10.47 21.78 -12.84
C GLY A 200 -10.78 23.25 -13.03
N THR A 201 -9.83 24.08 -12.60
CA THR A 201 -9.84 25.52 -12.84
C THR A 201 -9.13 25.80 -14.16
N LYS A 202 -9.81 26.45 -15.09
CA LYS A 202 -9.29 26.58 -16.46
C LYS A 202 -7.90 27.20 -16.48
N ARG A 203 -7.68 28.22 -15.66
CA ARG A 203 -6.39 28.93 -15.69
C ARG A 203 -5.21 27.99 -15.41
N TYR A 204 -5.46 26.93 -14.66
CA TYR A 204 -4.40 26.02 -14.26
C TYR A 204 -4.39 24.76 -15.09
N MET A 205 -5.31 24.64 -16.02
CA MET A 205 -5.47 23.40 -16.79
C MET A 205 -4.27 23.18 -17.68
N ALA A 206 -3.72 21.95 -17.62
CA ALA A 206 -2.60 21.57 -18.47
C ALA A 206 -3.04 21.51 -19.94
N PRO A 207 -2.08 21.66 -20.87
CA PRO A 207 -2.44 21.70 -22.31
C PRO A 207 -3.23 20.49 -22.76
N GLU A 208 -2.84 19.30 -22.28
CA GLU A 208 -3.51 18.09 -22.74
C GLU A 208 -4.93 17.98 -22.19
N VAL A 209 -5.25 18.73 -21.12
CA VAL A 209 -6.64 18.84 -20.66
C VAL A 209 -7.42 19.81 -21.53
N LEU A 210 -6.86 20.99 -21.74
CA LEU A 210 -7.51 22.02 -22.55
C LEU A 210 -7.81 21.53 -23.96
N ASP A 211 -6.86 20.88 -24.63
CA ASP A 211 -7.15 20.37 -25.96
C ASP A 211 -7.75 18.96 -25.91
N GLU A 212 -7.93 18.41 -24.71
CA GLU A 212 -8.67 17.16 -24.52
C GLU A 212 -8.02 16.00 -25.26
N THR A 213 -6.69 15.98 -25.32
CA THR A 213 -5.95 14.83 -25.84
C THR A 213 -5.41 13.95 -24.71
N ILE A 214 -5.67 14.32 -23.45
CA ILE A 214 -5.21 13.52 -22.33
C ILE A 214 -5.85 12.13 -22.41
N GLN A 215 -5.07 11.12 -22.04
CA GLN A 215 -5.52 9.73 -22.05
C GLN A 215 -6.30 9.48 -20.76
N VAL A 216 -7.63 9.58 -20.83
CA VAL A 216 -8.46 9.50 -19.64
C VAL A 216 -8.28 8.17 -18.93
N ASP A 217 -7.83 7.14 -19.65
CA ASP A 217 -7.63 5.81 -19.13
C ASP A 217 -6.38 5.67 -18.29
N CYS A 218 -5.47 6.63 -18.38
CA CYS A 218 -4.11 6.47 -17.87
C CYS A 218 -3.98 7.26 -16.57
N PHE A 219 -3.86 6.56 -15.44
CA PHE A 219 -3.76 7.29 -14.19
C PHE A 219 -2.58 8.25 -14.19
N ASP A 220 -1.42 7.81 -14.69
CA ASP A 220 -0.24 8.65 -14.66
C ASP A 220 -0.48 9.98 -15.34
N SER A 221 -1.33 10.02 -16.36
CA SER A 221 -1.66 11.29 -16.99
C SER A 221 -2.23 12.30 -15.99
N TYR A 222 -2.98 11.82 -14.99
CA TYR A 222 -3.56 12.77 -14.03
C TYR A 222 -2.49 13.29 -13.08
N LYS A 223 -1.54 12.44 -12.69
CA LYS A 223 -0.41 12.95 -11.92
C LYS A 223 0.31 14.07 -12.68
N ARG A 224 0.55 13.87 -13.98
CA ARG A 224 1.29 14.88 -14.74
C ARG A 224 0.52 16.18 -14.87
N VAL A 225 -0.81 16.12 -14.87
CA VAL A 225 -1.60 17.36 -14.88
C VAL A 225 -1.43 18.10 -13.57
N ASP A 226 -1.30 17.37 -12.46
CA ASP A 226 -1.00 18.02 -11.18
C ASP A 226 0.36 18.72 -11.21
N ILE A 227 1.35 18.11 -11.88
CA ILE A 227 2.70 18.67 -11.90
C ILE A 227 2.70 20.00 -12.65
N TRP A 228 2.00 20.06 -13.77
CA TRP A 228 1.83 21.32 -14.49
C TRP A 228 1.27 22.40 -13.56
N ALA A 229 0.18 22.09 -12.86
CA ALA A 229 -0.40 23.07 -11.96
C ALA A 229 0.56 23.43 -10.84
N PHE A 230 1.32 22.44 -10.33
CA PHE A 230 2.33 22.75 -9.32
C PHE A 230 3.33 23.77 -9.84
N GLY A 231 3.79 23.61 -11.09
CA GLY A 231 4.70 24.59 -11.67
C GLY A 231 4.12 25.98 -11.62
N LEU A 232 2.83 26.12 -11.92
CA LEU A 232 2.21 27.42 -11.91
C LEU A 232 2.18 27.99 -10.51
N VAL A 233 1.92 27.14 -9.51
CA VAL A 233 1.90 27.59 -8.12
C VAL A 233 3.30 28.02 -7.69
N LEU A 234 4.32 27.24 -8.07
CA LEU A 234 5.70 27.64 -7.84
C LEU A 234 5.95 29.07 -8.34
N TRP A 235 5.61 29.33 -9.60
CA TRP A 235 5.78 30.66 -10.17
C TRP A 235 5.07 31.72 -9.31
N GLU A 236 3.83 31.42 -8.87
CA GLU A 236 3.11 32.38 -8.05
C GLU A 236 3.85 32.70 -6.76
N VAL A 237 4.43 31.69 -6.15
CA VAL A 237 5.08 31.87 -4.87
C VAL A 237 6.40 32.60 -5.06
N ALA A 238 7.20 32.16 -6.03
CA ALA A 238 8.52 32.75 -6.25
C ALA A 238 8.43 34.24 -6.49
N ARG A 239 7.38 34.70 -7.16
CA ARG A 239 7.22 36.12 -7.44
C ARG A 239 7.26 36.94 -6.16
N ARG A 240 6.85 36.34 -5.03
CA ARG A 240 6.74 37.06 -3.77
C ARG A 240 7.97 36.92 -2.89
N MET A 241 8.99 36.20 -3.34
CA MET A 241 10.23 36.09 -2.57
C MET A 241 11.08 37.31 -2.86
N VAL A 242 11.48 38.03 -1.81
CA VAL A 242 12.29 39.24 -1.98
C VAL A 242 13.74 38.84 -2.22
N SER A 243 14.37 39.46 -3.20
CA SER A 243 15.79 39.30 -3.46
C SER A 243 16.36 40.68 -3.73
N ASN A 244 17.32 41.08 -2.92
CA ASN A 244 17.99 42.38 -3.09
C ASN A 244 16.95 43.50 -3.12
N GLY A 245 16.05 43.49 -2.15
CA GLY A 245 15.05 44.54 -2.02
C GLY A 245 14.00 44.58 -3.08
N ILE A 246 14.01 43.61 -4.00
CA ILE A 246 13.11 43.58 -5.14
C ILE A 246 12.12 42.43 -4.94
N VAL A 247 10.90 42.64 -5.41
CA VAL A 247 9.84 41.62 -5.31
C VAL A 247 8.75 42.02 -6.31
N GLU A 248 8.07 41.01 -6.86
CA GLU A 248 6.93 41.24 -7.74
C GLU A 248 5.62 41.26 -6.93
N ASP A 249 4.62 41.97 -7.48
CA ASP A 249 3.28 41.93 -6.90
C ASP A 249 2.62 40.60 -7.25
N TYR A 250 1.61 40.23 -6.44
CA TYR A 250 0.93 38.96 -6.70
C TYR A 250 0.16 39.02 -8.02
N LYS A 251 0.30 37.99 -8.83
CA LYS A 251 -0.51 37.81 -10.03
C LYS A 251 -0.84 36.34 -10.19
N PRO A 252 -2.02 36.03 -10.70
CA PRO A 252 -2.32 34.64 -11.07
C PRO A 252 -1.59 34.26 -12.35
N PRO A 253 -1.38 32.96 -12.59
CA PRO A 253 -0.75 32.54 -13.83
C PRO A 253 -1.49 33.06 -15.03
N PHE A 254 -0.73 33.61 -15.99
CA PHE A 254 -1.26 34.07 -17.26
C PHE A 254 -2.08 35.35 -17.16
N TYR A 255 -1.93 36.09 -16.05
CA TYR A 255 -2.63 37.35 -15.89
C TYR A 255 -2.46 38.27 -17.08
N ASP A 256 -1.30 38.24 -17.73
CA ASP A 256 -1.00 39.23 -18.76
C ASP A 256 -1.61 38.90 -20.13
N VAL A 257 -2.17 37.70 -20.32
CA VAL A 257 -2.58 37.30 -21.67
C VAL A 257 -4.01 36.79 -21.72
N VAL A 258 -4.61 36.49 -20.57
CA VAL A 258 -6.00 36.09 -20.55
C VAL A 258 -6.82 37.00 -19.64
N PRO A 259 -8.10 37.19 -19.92
CA PRO A 259 -8.96 37.94 -18.99
C PRO A 259 -9.26 37.14 -17.74
N ASN A 260 -9.91 37.80 -16.78
CA ASN A 260 -10.39 37.07 -15.62
C ASN A 260 -11.52 36.13 -16.02
N ASP A 261 -11.63 35.02 -15.30
CA ASP A 261 -12.56 33.96 -15.66
C ASP A 261 -12.34 33.58 -17.12
N PRO A 262 -11.11 33.25 -17.51
CA PRO A 262 -10.85 32.96 -18.94
C PRO A 262 -11.70 31.80 -19.45
N SER A 263 -11.99 31.85 -20.74
CA SER A 263 -12.70 30.78 -21.40
C SER A 263 -11.75 29.66 -21.75
N PHE A 264 -12.34 28.49 -22.06
CA PHE A 264 -11.53 27.38 -22.56
C PHE A 264 -10.69 27.82 -23.74
N GLU A 265 -11.28 28.59 -24.65
CA GLU A 265 -10.60 28.96 -25.89
C GLU A 265 -9.46 29.93 -25.61
N ASP A 266 -9.70 30.92 -24.75
CA ASP A 266 -8.63 31.81 -24.30
C ASP A 266 -7.45 31.01 -23.81
N MET A 267 -7.72 30.03 -22.94
CA MET A 267 -6.66 29.24 -22.36
C MET A 267 -5.98 28.39 -23.42
N ARG A 268 -6.77 27.77 -24.31
CA ARG A 268 -6.18 26.87 -25.28
C ARG A 268 -5.27 27.61 -26.26
N LYS A 269 -5.70 28.80 -26.71
CA LYS A 269 -4.85 29.54 -27.63
C LYS A 269 -3.50 29.85 -26.99
N VAL A 270 -3.54 30.34 -25.75
CA VAL A 270 -2.30 30.72 -25.06
C VAL A 270 -1.41 29.49 -24.83
N VAL A 271 -2.00 28.43 -24.31
CA VAL A 271 -1.23 27.32 -23.76
C VAL A 271 -0.98 26.24 -24.80
N CYS A 272 -1.96 25.96 -25.64
CA CYS A 272 -1.84 24.85 -26.60
C CYS A 272 -1.32 25.31 -27.96
N VAL A 273 -1.85 26.41 -28.47
CA VAL A 273 -1.49 26.86 -29.82
C VAL A 273 -0.24 27.73 -29.77
N ASP A 274 -0.26 28.79 -28.94
CA ASP A 274 0.92 29.63 -28.79
C ASP A 274 1.97 28.99 -27.90
N GLN A 275 1.58 28.03 -27.05
CA GLN A 275 2.48 27.33 -26.13
C GLN A 275 3.31 28.33 -25.30
N GLN A 276 2.63 29.31 -24.71
CA GLN A 276 3.26 30.30 -23.86
C GLN A 276 3.33 29.79 -22.42
N ARG A 277 4.20 30.42 -21.64
CA ARG A 277 4.38 30.11 -20.23
C ARG A 277 4.58 31.41 -19.46
N PRO A 278 4.34 31.38 -18.14
CA PRO A 278 4.63 32.56 -17.31
C PRO A 278 6.10 33.00 -17.43
N ASN A 279 6.30 34.30 -17.55
CA ASN A 279 7.66 34.83 -17.74
C ASN A 279 8.42 34.91 -16.43
N ILE A 280 9.73 34.74 -16.51
CA ILE A 280 10.61 34.73 -15.35
C ILE A 280 11.15 36.15 -15.16
N PRO A 281 10.85 36.83 -14.06
CA PRO A 281 11.47 38.14 -13.82
C PRO A 281 12.98 38.08 -13.87
N ASN A 282 13.58 39.05 -14.58
CA ASN A 282 15.03 39.05 -14.71
C ASN A 282 15.72 39.05 -13.35
N ARG A 283 15.11 39.70 -12.34
CA ARG A 283 15.78 39.81 -11.05
C ARG A 283 16.00 38.46 -10.37
N TRP A 284 15.22 37.44 -10.72
CA TRP A 284 15.42 36.12 -10.12
C TRP A 284 16.84 35.58 -10.35
N PHE A 285 17.47 35.93 -11.47
CA PHE A 285 18.77 35.32 -11.76
C PHE A 285 19.89 35.92 -10.94
N SER A 286 19.62 36.99 -10.20
CA SER A 286 20.58 37.54 -9.24
C SER A 286 20.58 36.77 -7.94
N ASP A 287 19.72 35.75 -7.79
CA ASP A 287 19.55 35.02 -6.56
C ASP A 287 19.58 33.54 -6.91
N PRO A 288 20.36 32.72 -6.20
CA PRO A 288 20.53 31.33 -6.63
C PRO A 288 19.32 30.48 -6.35
N THR A 289 18.57 30.82 -5.31
CA THR A 289 17.32 30.12 -5.03
C THR A 289 16.34 30.31 -6.18
N LEU A 290 15.99 31.57 -6.49
CA LEU A 290 15.03 31.81 -7.56
C LEU A 290 15.54 31.32 -8.90
N THR A 291 16.86 31.36 -9.11
CA THR A 291 17.43 30.71 -10.30
C THR A 291 17.10 29.22 -10.32
N SER A 292 17.31 28.54 -9.18
CA SER A 292 17.01 27.12 -9.12
C SER A 292 15.51 26.85 -9.28
N LEU A 293 14.68 27.71 -8.70
CA LEU A 293 13.24 27.48 -8.77
C LEU A 293 12.71 27.73 -10.18
N ALA A 294 13.23 28.78 -10.83
CA ALA A 294 12.88 29.02 -12.23
C ALA A 294 13.20 27.79 -13.08
N LYS A 295 14.38 27.20 -12.87
CA LYS A 295 14.70 25.96 -13.57
C LYS A 295 13.68 24.88 -13.28
N LEU A 296 13.22 24.79 -12.02
CA LEU A 296 12.34 23.71 -11.63
C LEU A 296 10.96 23.88 -12.25
N MET A 297 10.38 25.10 -12.15
CA MET A 297 9.04 25.28 -12.69
C MET A 297 9.00 25.02 -14.19
N LYS A 298 10.08 25.36 -14.91
CA LYS A 298 10.09 25.06 -16.35
C LYS A 298 10.07 23.56 -16.61
N GLU A 299 10.66 22.76 -15.73
CA GLU A 299 10.61 21.30 -15.84
C GLU A 299 9.26 20.73 -15.42
N CYS A 300 8.39 21.57 -14.85
CA CYS A 300 7.01 21.20 -14.60
C CYS A 300 6.09 21.55 -15.75
N TRP A 301 6.53 22.43 -16.66
CA TRP A 301 5.71 23.03 -17.69
C TRP A 301 5.94 22.47 -19.08
N TYR A 302 6.72 21.40 -19.23
CA TYR A 302 6.91 20.81 -20.54
C TYR A 302 5.57 20.55 -21.22
N GLN A 303 5.49 20.91 -22.50
CA GLN A 303 4.30 20.59 -23.28
C GLN A 303 4.04 19.09 -23.28
N ASN A 304 5.10 18.29 -23.40
CA ASN A 304 4.98 16.84 -23.38
C ASN A 304 4.84 16.34 -21.94
N PRO A 305 3.73 15.73 -21.57
CA PRO A 305 3.54 15.39 -20.15
C PRO A 305 4.62 14.50 -19.58
N SER A 306 5.21 13.62 -20.38
CA SER A 306 6.14 12.61 -19.87
C SER A 306 7.51 13.19 -19.54
N ALA A 307 7.81 14.42 -20.00
CA ALA A 307 9.06 15.07 -19.65
C ALA A 307 9.01 15.76 -18.31
N ARG A 308 7.81 15.95 -17.75
CA ARG A 308 7.66 16.67 -16.50
C ARG A 308 8.25 15.85 -15.36
N LEU A 309 8.89 16.55 -14.42
CA LEU A 309 9.41 15.86 -13.25
C LEU A 309 8.28 15.19 -12.48
N THR A 310 8.61 14.10 -11.80
CA THR A 310 7.67 13.53 -10.85
C THR A 310 7.59 14.39 -9.61
N ALA A 311 6.53 14.17 -8.83
CA ALA A 311 6.37 14.90 -7.57
C ALA A 311 7.54 14.58 -6.65
N LEU A 312 7.96 13.33 -6.60
CA LEU A 312 9.05 12.95 -5.71
C LEU A 312 10.37 13.55 -6.17
N ARG A 313 10.59 13.62 -7.47
CA ARG A 313 11.78 14.28 -8.00
C ARG A 313 11.80 15.75 -7.60
N ILE A 314 10.68 16.43 -7.77
CA ILE A 314 10.57 17.84 -7.36
C ILE A 314 10.92 17.96 -5.89
N LYS A 315 10.33 17.11 -5.04
CA LYS A 315 10.59 17.15 -3.61
C LYS A 315 12.07 16.95 -3.33
N LYS A 316 12.67 15.92 -3.92
CA LYS A 316 14.10 15.68 -3.70
C LYS A 316 14.92 16.88 -4.14
N THR A 317 14.55 17.50 -5.26
CA THR A 317 15.29 18.66 -5.75
C THR A 317 15.14 19.83 -4.78
N LEU A 318 13.95 20.04 -4.26
CA LEU A 318 13.74 21.15 -3.34
C LEU A 318 14.41 20.89 -2.01
N THR A 319 14.50 19.62 -1.61
CA THR A 319 15.24 19.26 -0.40
C THR A 319 16.69 19.70 -0.50
N LYS A 320 17.23 19.75 -1.71
CA LYS A 320 18.65 20.07 -1.92
C LYS A 320 18.89 21.55 -2.20
N ILE A 321 17.94 22.24 -2.83
CA ILE A 321 18.10 23.67 -3.13
C ILE A 321 18.28 24.48 -1.85
N ASP A 322 17.82 23.95 -0.72
CA ASP A 322 17.92 24.65 0.57
C ASP A 322 19.36 25.07 0.88
N GLY B 16 -2.88 -35.48 17.15
CA GLY B 16 -1.73 -36.35 16.94
C GLY B 16 -0.44 -35.64 17.23
N SER B 17 -0.38 -34.37 16.82
CA SER B 17 0.68 -33.46 17.21
C SER B 17 0.33 -32.67 18.46
N GLY B 18 -0.88 -32.86 18.98
CA GLY B 18 -1.37 -32.08 20.10
C GLY B 18 -1.47 -32.88 21.38
N LEU B 19 -2.48 -32.55 22.20
CA LEU B 19 -2.71 -33.21 23.47
C LEU B 19 -3.05 -34.67 23.26
N PRO B 20 -3.13 -35.49 24.33
CA PRO B 20 -3.71 -36.83 24.17
C PRO B 20 -5.12 -36.72 23.60
N PHE B 21 -5.47 -37.68 22.72
CA PHE B 21 -6.66 -37.50 21.89
C PHE B 21 -7.91 -37.33 22.74
N LEU B 22 -7.99 -38.02 23.90
CA LEU B 22 -9.14 -37.82 24.77
C LEU B 22 -9.21 -36.38 25.27
N VAL B 23 -8.06 -35.79 25.57
CA VAL B 23 -8.03 -34.39 26.00
C VAL B 23 -8.47 -33.49 24.85
N GLN B 24 -7.96 -33.75 23.63
CA GLN B 24 -8.37 -32.96 22.48
C GLN B 24 -9.89 -32.97 22.34
N ARG B 25 -10.49 -34.14 22.54
CA ARG B 25 -11.94 -34.31 22.39
C ARG B 25 -12.76 -33.46 23.36
N THR B 26 -12.08 -32.75 24.25
CA THR B 26 -12.74 -31.89 25.23
C THR B 26 -12.21 -30.47 25.25
N VAL B 27 -11.14 -30.17 24.51
CA VAL B 27 -10.54 -28.84 24.55
C VAL B 27 -11.52 -27.77 24.06
N ALA B 28 -12.31 -28.09 23.03
CA ALA B 28 -13.19 -27.09 22.45
C ALA B 28 -14.22 -26.59 23.48
N ARG B 29 -14.78 -27.50 24.28
CA ARG B 29 -15.77 -27.07 25.27
C ARG B 29 -15.14 -26.22 26.37
N GLN B 30 -13.82 -26.26 26.54
CA GLN B 30 -13.14 -25.50 27.58
C GLN B 30 -12.57 -24.19 27.05
N ILE B 31 -12.75 -23.88 25.80
CA ILE B 31 -12.21 -22.67 25.22
C ILE B 31 -13.29 -21.58 25.24
N THR B 32 -12.87 -20.38 25.57
CA THR B 32 -13.70 -19.20 25.39
C THR B 32 -13.04 -18.37 24.32
N LEU B 33 -13.83 -17.93 23.33
CA LEU B 33 -13.30 -17.09 22.27
C LEU B 33 -13.33 -15.64 22.75
N LEU B 34 -12.22 -14.92 22.59
CA LEU B 34 -12.12 -13.57 23.17
C LEU B 34 -12.09 -12.47 22.13
N GLU B 35 -11.27 -12.60 21.09
CA GLU B 35 -11.19 -11.57 20.07
C GLU B 35 -11.06 -12.22 18.72
N CYS B 36 -11.67 -11.59 17.71
CA CYS B 36 -11.47 -12.01 16.33
C CYS B 36 -10.32 -11.19 15.74
N VAL B 37 -9.25 -11.86 15.36
CA VAL B 37 -8.02 -11.20 14.95
C VAL B 37 -7.76 -11.36 13.46
N GLY B 38 -8.57 -12.13 12.76
CA GLY B 38 -8.44 -12.35 11.33
C GLY B 38 -9.72 -12.84 10.71
N LYS B 39 -10.02 -12.30 9.53
CA LYS B 39 -11.17 -12.72 8.73
C LYS B 39 -10.77 -12.72 7.26
N GLY B 40 -11.29 -13.69 6.52
CA GLY B 40 -11.04 -13.77 5.10
C GLY B 40 -11.98 -14.78 4.48
N ARG B 41 -11.67 -15.16 3.23
CA ARG B 41 -12.45 -16.19 2.57
C ARG B 41 -12.32 -17.53 3.27
N TYR B 42 -11.23 -17.71 4.02
CA TYR B 42 -10.99 -18.96 4.75
C TYR B 42 -11.89 -19.11 5.95
N GLY B 43 -12.54 -18.03 6.38
CA GLY B 43 -13.27 -18.00 7.64
C GLY B 43 -12.71 -16.95 8.59
N GLU B 44 -12.37 -17.37 9.80
CA GLU B 44 -12.04 -16.46 10.89
C GLU B 44 -10.95 -17.08 11.75
N VAL B 45 -10.07 -16.25 12.31
CA VAL B 45 -9.13 -16.66 13.33
C VAL B 45 -9.37 -15.81 14.56
N TRP B 46 -9.44 -16.46 15.72
CA TRP B 46 -9.70 -15.83 17.00
C TRP B 46 -8.56 -16.10 17.96
N ARG B 47 -8.31 -15.15 18.86
CA ARG B 47 -7.64 -15.45 20.11
C ARG B 47 -8.66 -16.03 21.06
N GLY B 48 -8.42 -17.27 21.48
CA GLY B 48 -9.21 -17.90 22.51
C GLY B 48 -8.38 -18.13 23.74
N SER B 49 -9.06 -18.54 24.80
CA SER B 49 -8.39 -18.83 26.06
C SER B 49 -8.79 -20.24 26.48
N TRP B 50 -7.79 -21.06 26.76
CA TRP B 50 -7.98 -22.41 27.28
C TRP B 50 -7.15 -22.52 28.56
N GLN B 51 -7.82 -22.66 29.69
CA GLN B 51 -7.16 -22.65 31.00
C GLN B 51 -6.44 -21.33 31.24
N GLY B 52 -6.98 -20.21 30.76
CA GLY B 52 -6.31 -18.93 30.85
C GLY B 52 -5.08 -18.77 29.97
N GLU B 53 -4.77 -19.74 29.12
CA GLU B 53 -3.67 -19.64 28.16
C GLU B 53 -4.24 -19.32 26.77
N ASN B 54 -3.58 -18.42 26.05
CA ASN B 54 -4.03 -18.06 24.72
C ASN B 54 -3.89 -19.24 23.78
N VAL B 55 -4.89 -19.43 22.92
CA VAL B 55 -4.86 -20.34 21.81
C VAL B 55 -5.41 -19.61 20.59
N ALA B 56 -4.95 -20.02 19.40
CA ALA B 56 -5.57 -19.58 18.16
C ALA B 56 -6.62 -20.58 17.70
N VAL B 57 -7.79 -20.07 17.31
CA VAL B 57 -8.90 -20.89 16.86
C VAL B 57 -9.23 -20.38 15.46
N LYS B 58 -9.02 -21.22 14.47
CA LYS B 58 -9.45 -20.93 13.11
C LYS B 58 -10.79 -21.61 12.94
N ILE B 59 -11.79 -20.82 12.59
CA ILE B 59 -13.14 -21.28 12.28
C ILE B 59 -13.34 -21.22 10.77
N PHE B 60 -13.52 -22.39 10.14
CA PHE B 60 -13.42 -22.45 8.69
C PHE B 60 -14.74 -22.06 8.04
N SER B 61 -14.64 -21.31 6.94
CA SER B 61 -15.80 -21.09 6.11
C SER B 61 -16.27 -22.41 5.47
N SER B 62 -17.52 -22.42 4.99
CA SER B 62 -18.00 -23.59 4.25
C SER B 62 -17.18 -23.81 2.99
N ARG B 63 -16.60 -22.74 2.43
CA ARG B 63 -15.79 -22.89 1.23
C ARG B 63 -14.56 -23.75 1.50
N ASP B 64 -13.94 -23.55 2.66
CA ASP B 64 -12.68 -24.20 3.01
C ASP B 64 -12.85 -25.40 3.92
N GLU B 65 -14.05 -25.98 3.98
CA GLU B 65 -14.27 -27.04 4.94
C GLU B 65 -13.41 -28.27 4.66
N LYS B 66 -13.16 -28.58 3.38
CA LYS B 66 -12.32 -29.72 3.07
C LYS B 66 -10.90 -29.53 3.55
N SER B 67 -10.40 -28.28 3.56
CA SER B 67 -9.08 -28.01 4.09
C SER B 67 -9.04 -28.27 5.60
N TRP B 68 -10.12 -27.93 6.29
CA TRP B 68 -10.15 -28.24 7.72
C TRP B 68 -10.08 -29.75 7.91
N PHE B 69 -10.76 -30.49 7.05
CA PHE B 69 -10.79 -31.94 7.19
C PHE B 69 -9.42 -32.53 6.88
N ARG B 70 -8.79 -32.08 5.80
CA ARG B 70 -7.50 -32.66 5.44
C ARG B 70 -6.46 -32.32 6.47
N GLU B 71 -6.46 -31.09 6.97
CA GLU B 71 -5.50 -30.73 7.99
C GLU B 71 -5.74 -31.52 9.27
N THR B 72 -7.00 -31.74 9.64
CA THR B 72 -7.28 -32.59 10.79
C THR B 72 -6.80 -34.01 10.57
N GLU B 73 -7.05 -34.57 9.39
CA GLU B 73 -6.57 -35.92 9.09
C GLU B 73 -5.04 -35.98 9.15
N LEU B 74 -4.37 -34.90 8.74
CA LEU B 74 -2.91 -34.92 8.66
C LEU B 74 -2.29 -34.87 10.04
N TYR B 75 -2.60 -33.80 10.77
CA TYR B 75 -1.95 -33.56 12.06
C TYR B 75 -2.25 -34.70 13.04
N ASN B 76 -3.29 -35.47 12.78
CA ASN B 76 -3.56 -36.64 13.58
C ASN B 76 -2.81 -37.86 13.07
N THR B 77 -2.85 -38.12 11.76
CA THR B 77 -2.10 -39.20 11.15
C THR B 77 -0.60 -39.12 11.49
N VAL B 78 -0.08 -37.91 11.58
CA VAL B 78 1.34 -37.66 11.82
C VAL B 78 1.45 -36.65 12.95
N MET B 79 2.27 -36.96 13.96
CA MET B 79 2.48 -36.07 15.09
C MET B 79 3.51 -35.00 14.72
N LEU B 80 3.19 -34.22 13.69
CA LEU B 80 4.10 -33.19 13.24
C LEU B 80 4.41 -32.27 14.41
N ARG B 81 5.67 -32.18 14.80
CA ARG B 81 6.05 -31.36 15.94
C ARG B 81 7.43 -30.76 15.66
N HIS B 82 7.48 -29.44 15.47
CA HIS B 82 8.75 -28.81 15.14
C HIS B 82 8.59 -27.34 15.49
N GLU B 83 9.70 -26.73 15.92
CA GLU B 83 9.67 -25.33 16.36
CA GLU B 83 9.68 -25.33 16.36
C GLU B 83 9.22 -24.39 15.23
N ASN B 84 9.42 -24.79 13.97
CA ASN B 84 9.10 -23.95 12.85
C ASN B 84 7.87 -24.44 12.06
N ILE B 85 7.06 -25.26 12.68
CA ILE B 85 5.73 -25.64 12.19
C ILE B 85 4.73 -25.23 13.26
N LEU B 86 3.64 -24.60 12.84
CA LEU B 86 2.60 -24.19 13.79
C LEU B 86 2.14 -25.39 14.62
N GLY B 87 2.14 -25.21 15.94
CA GLY B 87 1.91 -26.30 16.85
C GLY B 87 0.42 -26.58 16.93
N PHE B 88 0.02 -27.79 16.55
CA PHE B 88 -1.38 -28.22 16.60
C PHE B 88 -1.77 -28.57 18.01
N ILE B 89 -2.97 -28.12 18.43
CA ILE B 89 -3.52 -28.50 19.71
C ILE B 89 -4.68 -29.49 19.53
N ALA B 90 -5.70 -29.10 18.79
CA ALA B 90 -6.88 -29.95 18.65
C ALA B 90 -7.70 -29.49 17.45
N SER B 91 -8.57 -30.38 17.00
CA SER B 91 -9.54 -30.06 15.95
C SER B 91 -10.89 -30.52 16.46
N ASP B 92 -11.93 -29.76 16.17
CA ASP B 92 -13.25 -30.18 16.61
C ASP B 92 -14.32 -29.65 15.68
N MET B 93 -15.42 -30.41 15.59
CA MET B 93 -16.67 -29.89 15.04
C MET B 93 -17.55 -29.58 16.25
N THR B 94 -17.68 -28.31 16.56
CA THR B 94 -18.30 -27.91 17.82
C THR B 94 -19.42 -26.93 17.52
N SER B 95 -20.21 -26.64 18.54
CA SER B 95 -21.30 -25.67 18.41
C SER B 95 -20.93 -24.44 19.23
N ARG B 96 -21.18 -23.27 18.65
CA ARG B 96 -21.00 -22.01 19.34
C ARG B 96 -22.12 -21.11 18.86
N HIS B 97 -22.82 -20.49 19.80
CA HIS B 97 -23.98 -19.65 19.47
C HIS B 97 -24.96 -20.43 18.59
N SER B 98 -25.13 -21.72 18.91
CA SER B 98 -26.13 -22.56 18.25
C SER B 98 -25.85 -22.82 16.78
N SER B 99 -24.61 -22.67 16.36
CA SER B 99 -24.17 -22.98 15.01
C SER B 99 -23.05 -24.00 15.10
N THR B 100 -23.13 -25.03 14.28
CA THR B 100 -22.05 -26.02 14.22
C THR B 100 -20.91 -25.43 13.40
N GLN B 101 -19.70 -25.56 13.91
CA GLN B 101 -18.54 -24.87 13.37
C GLN B 101 -17.38 -25.85 13.28
N LEU B 102 -16.47 -25.57 12.34
CA LEU B 102 -15.29 -26.39 12.14
C LEU B 102 -14.11 -25.62 12.71
N TRP B 103 -13.51 -26.12 13.78
CA TRP B 103 -12.43 -25.43 14.44
C TRP B 103 -11.10 -26.20 14.33
N LEU B 104 -10.04 -25.45 14.10
CA LEU B 104 -8.66 -25.89 14.28
C LEU B 104 -8.07 -25.02 15.37
N ILE B 105 -7.52 -25.65 16.40
CA ILE B 105 -6.98 -24.95 17.58
C ILE B 105 -5.47 -25.17 17.58
N THR B 106 -4.72 -24.09 17.69
CA THR B 106 -3.27 -24.19 17.65
C THR B 106 -2.65 -23.23 18.65
N HIS B 107 -1.33 -23.32 18.79
CA HIS B 107 -0.60 -22.29 19.52
CA HIS B 107 -0.60 -22.29 19.52
C HIS B 107 -0.96 -20.90 18.97
N TYR B 108 -0.98 -19.91 19.86
CA TYR B 108 -1.31 -18.52 19.53
C TYR B 108 -0.04 -17.71 19.38
N HIS B 109 0.16 -17.18 18.19
CA HIS B 109 1.31 -16.31 17.89
C HIS B 109 0.81 -14.88 17.75
N GLU B 110 0.98 -14.11 18.83
CA GLU B 110 0.34 -12.80 18.88
C GLU B 110 0.80 -11.89 17.75
N MET B 111 2.00 -12.09 17.19
CA MET B 111 2.50 -11.18 16.17
CA MET B 111 2.49 -11.18 16.17
C MET B 111 1.77 -11.36 14.85
N GLY B 112 1.07 -12.50 14.66
CA GLY B 112 0.37 -12.70 13.41
C GLY B 112 1.28 -13.12 12.28
N SER B 113 0.79 -12.90 11.06
CA SER B 113 1.40 -13.45 9.89
C SER B 113 2.62 -12.66 9.49
N LEU B 114 3.53 -13.35 8.82
CA LEU B 114 4.71 -12.66 8.26
C LEU B 114 4.29 -11.57 7.29
N TYR B 115 3.31 -11.87 6.46
CA TYR B 115 2.71 -10.87 5.59
C TYR B 115 2.38 -9.59 6.32
N ASP B 116 1.65 -9.69 7.44
CA ASP B 116 1.26 -8.46 8.14
C ASP B 116 2.47 -7.84 8.84
N TYR B 117 3.34 -8.68 9.39
CA TYR B 117 4.51 -8.22 10.14
C TYR B 117 5.44 -7.39 9.26
N LEU B 118 5.73 -7.87 8.05
CA LEU B 118 6.65 -7.13 7.17
C LEU B 118 6.12 -5.76 6.81
N GLN B 119 4.80 -5.55 6.83
CA GLN B 119 4.23 -4.24 6.55
C GLN B 119 4.35 -3.28 7.73
N LEU B 120 4.70 -3.78 8.93
CA LEU B 120 4.74 -2.93 10.12
C LEU B 120 6.15 -2.57 10.58
N THR B 121 7.15 -3.36 10.24
CA THR B 121 8.48 -3.07 10.75
C THR B 121 9.51 -3.45 9.69
N THR B 122 10.75 -3.09 9.98
CA THR B 122 11.91 -3.40 9.18
C THR B 122 12.80 -4.35 9.97
N LEU B 123 13.79 -4.89 9.29
CA LEU B 123 14.64 -5.94 9.82
C LEU B 123 16.10 -5.53 9.70
N ASP B 124 16.93 -6.06 10.60
CA ASP B 124 18.38 -5.94 10.48
C ASP B 124 18.90 -7.32 10.09
N THR B 125 20.21 -7.42 9.90
CA THR B 125 20.79 -8.67 9.39
C THR B 125 20.37 -9.86 10.25
N VAL B 126 20.45 -9.70 11.57
CA VAL B 126 20.15 -10.80 12.48
C VAL B 126 18.70 -11.23 12.34
N SER B 127 17.77 -10.27 12.35
CA SER B 127 16.36 -10.60 12.35
C SER B 127 15.91 -11.13 11.01
N CYS B 128 16.49 -10.64 9.92
CA CYS B 128 16.15 -11.15 8.61
C CYS B 128 16.57 -12.60 8.46
N LEU B 129 17.84 -12.89 8.80
CA LEU B 129 18.34 -14.26 8.68
C LEU B 129 17.59 -15.21 9.60
N ARG B 130 17.23 -14.76 10.80
CA ARG B 130 16.45 -15.61 11.70
C ARG B 130 15.12 -16.00 11.09
N ILE B 131 14.46 -15.04 10.43
CA ILE B 131 13.20 -15.36 9.81
C ILE B 131 13.38 -16.40 8.70
N VAL B 132 14.26 -16.10 7.75
CA VAL B 132 14.32 -16.99 6.58
C VAL B 132 14.91 -18.33 6.95
N LEU B 133 15.85 -18.38 7.89
CA LEU B 133 16.37 -19.69 8.30
C LEU B 133 15.30 -20.53 9.02
N SER B 134 14.47 -19.91 9.83
CA SER B 134 13.43 -20.68 10.51
C SER B 134 12.44 -21.23 9.49
N ILE B 135 12.18 -20.51 8.42
CA ILE B 135 11.26 -21.00 7.42
C ILE B 135 11.89 -22.17 6.69
N ALA B 136 13.16 -22.02 6.31
CA ALA B 136 13.82 -23.11 5.62
C ALA B 136 13.88 -24.35 6.51
N SER B 137 14.16 -24.15 7.81
CA SER B 137 14.21 -25.29 8.73
C SER B 137 12.85 -25.98 8.82
N GLY B 138 11.77 -25.22 8.92
CA GLY B 138 10.45 -25.83 8.95
C GLY B 138 10.11 -26.54 7.66
N LEU B 139 10.49 -25.95 6.53
CA LEU B 139 10.16 -26.54 5.24
C LEU B 139 10.95 -27.82 5.02
N ALA B 140 12.23 -27.81 5.41
CA ALA B 140 13.00 -29.06 5.31
C ALA B 140 12.37 -30.15 6.15
N HIS B 141 11.89 -29.82 7.37
CA HIS B 141 11.30 -30.86 8.22
C HIS B 141 10.02 -31.40 7.61
N LEU B 142 9.19 -30.54 7.01
CA LEU B 142 8.07 -31.02 6.26
C LEU B 142 8.51 -31.94 5.13
N HIS B 143 9.45 -31.48 4.32
CA HIS B 143 9.84 -32.19 3.10
C HIS B 143 10.51 -33.53 3.35
N ILE B 144 11.18 -33.69 4.47
CA ILE B 144 12.02 -34.86 4.69
CA ILE B 144 12.01 -34.86 4.67
C ILE B 144 11.16 -36.04 5.13
N GLU B 145 11.26 -37.16 4.42
CA GLU B 145 10.64 -38.37 4.91
C GLU B 145 11.53 -39.00 5.97
N ILE B 146 10.95 -39.35 7.11
CA ILE B 146 11.70 -40.04 8.18
C ILE B 146 11.11 -41.43 8.32
N PHE B 147 11.95 -42.45 8.13
CA PHE B 147 11.51 -43.82 8.23
C PHE B 147 11.50 -44.26 9.67
N GLY B 148 10.79 -45.33 9.92
CA GLY B 148 10.71 -45.93 11.23
C GLY B 148 9.37 -45.68 11.89
N THR B 149 9.16 -46.40 13.00
CA THR B 149 7.91 -46.31 13.75
C THR B 149 7.60 -44.90 14.17
N GLN B 150 8.61 -44.08 14.49
CA GLN B 150 8.38 -42.72 14.97
C GLN B 150 8.76 -41.68 13.93
N GLY B 151 8.73 -42.04 12.67
CA GLY B 151 9.07 -41.13 11.58
C GLY B 151 7.87 -40.39 11.06
N LYS B 152 7.95 -39.98 9.81
CA LYS B 152 6.89 -39.18 9.22
C LYS B 152 6.97 -39.33 7.70
N PRO B 153 5.86 -39.21 7.00
CA PRO B 153 5.93 -39.12 5.53
C PRO B 153 6.54 -37.80 5.10
N ALA B 154 7.08 -37.78 3.90
CA ALA B 154 7.44 -36.51 3.30
C ALA B 154 6.14 -35.74 3.10
N ILE B 155 6.22 -34.43 3.28
CA ILE B 155 5.06 -33.54 3.15
C ILE B 155 5.46 -32.35 2.30
N ALA B 156 4.69 -32.07 1.27
CA ALA B 156 4.80 -30.84 0.50
C ALA B 156 3.63 -29.94 0.86
N HIS B 157 3.90 -28.66 1.02
CA HIS B 157 2.90 -27.76 1.60
C HIS B 157 1.85 -27.32 0.60
N ARG B 158 2.29 -26.92 -0.61
CA ARG B 158 1.47 -26.52 -1.74
C ARG B 158 0.84 -25.15 -1.63
N ASP B 159 0.98 -24.45 -0.53
CA ASP B 159 0.49 -23.06 -0.49
C ASP B 159 1.43 -22.20 0.36
N LEU B 160 2.74 -22.39 0.19
CA LEU B 160 3.71 -21.66 0.99
C LEU B 160 3.71 -20.22 0.53
N LYS B 161 3.61 -19.30 1.48
CA LYS B 161 3.54 -17.86 1.18
C LYS B 161 3.54 -17.14 2.53
N SER B 162 3.68 -15.82 2.47
CA SER B 162 3.91 -15.07 3.72
C SER B 162 2.68 -15.00 4.59
N LYS B 163 1.47 -15.06 4.01
CA LYS B 163 0.28 -15.14 4.84
C LYS B 163 0.16 -16.46 5.59
N ASN B 164 0.88 -17.48 5.15
CA ASN B 164 0.81 -18.81 5.77
C ASN B 164 2.02 -19.08 6.64
N ILE B 165 2.72 -18.04 7.04
CA ILE B 165 3.81 -18.13 8.01
C ILE B 165 3.51 -17.21 9.16
N LEU B 166 3.72 -17.70 10.41
CA LEU B 166 3.49 -16.91 11.58
C LEU B 166 4.82 -16.53 12.25
N VAL B 167 4.84 -15.36 12.87
CA VAL B 167 6.03 -14.79 13.48
C VAL B 167 5.91 -14.94 14.98
N LYS B 168 6.98 -15.42 15.60
CA LYS B 168 7.07 -15.54 17.05
C LYS B 168 7.74 -14.31 17.65
N LYS B 169 7.50 -14.10 18.94
CA LYS B 169 8.07 -12.91 19.58
C LYS B 169 9.59 -12.95 19.57
N ASN B 170 10.19 -14.14 19.56
CA ASN B 170 11.64 -14.27 19.48
C ASN B 170 12.18 -14.08 18.07
N GLY B 171 11.33 -13.81 17.08
CA GLY B 171 11.79 -13.54 15.74
C GLY B 171 11.97 -14.77 14.87
N GLN B 172 11.82 -15.97 15.43
CA GLN B 172 11.64 -17.12 14.54
C GLN B 172 10.23 -17.13 13.98
N CYS B 173 10.02 -17.97 12.97
CA CYS B 173 8.73 -18.12 12.32
C CYS B 173 8.33 -19.56 12.35
N CYS B 174 7.06 -19.81 12.03
CA CYS B 174 6.60 -21.17 11.84
C CYS B 174 5.62 -21.21 10.66
N ILE B 175 5.67 -22.28 9.92
CA ILE B 175 4.82 -22.49 8.76
C ILE B 175 3.48 -23.00 9.22
N ALA B 176 2.44 -22.47 8.62
CA ALA B 176 1.06 -22.82 8.93
C ALA B 176 0.30 -23.21 7.68
N ASP B 177 -0.88 -23.81 7.94
CA ASP B 177 -1.91 -24.10 6.98
C ASP B 177 -1.47 -25.27 6.11
N LEU B 178 -1.77 -26.46 6.57
CA LEU B 178 -1.48 -27.72 5.87
C LEU B 178 -2.72 -28.28 5.19
N GLY B 179 -3.72 -27.44 4.94
CA GLY B 179 -4.96 -27.97 4.38
C GLY B 179 -4.86 -28.41 2.93
N LEU B 180 -3.80 -27.99 2.23
CA LEU B 180 -3.56 -28.39 0.85
C LEU B 180 -2.35 -29.30 0.73
N ALA B 181 -1.76 -29.70 1.84
CA ALA B 181 -0.52 -30.44 1.77
C ALA B 181 -0.77 -31.85 1.24
N VAL B 182 0.24 -32.41 0.62
CA VAL B 182 0.19 -33.80 0.14
C VAL B 182 1.29 -34.55 0.88
N MET B 183 1.00 -35.77 1.26
CA MET B 183 1.92 -36.65 1.97
C MET B 183 2.39 -37.77 1.05
N HIS B 184 3.63 -38.20 1.24
CA HIS B 184 4.17 -39.33 0.52
C HIS B 184 5.02 -40.19 1.46
N SER B 185 4.78 -41.49 1.43
CA SER B 185 5.64 -42.49 2.08
C SER B 185 6.30 -43.33 0.99
N GLN B 186 7.64 -43.34 0.98
CA GLN B 186 8.36 -44.17 0.01
C GLN B 186 7.88 -45.62 0.06
N SER B 187 7.32 -46.05 1.19
CA SER B 187 6.70 -47.36 1.30
C SER B 187 5.83 -47.67 0.08
N THR B 188 4.81 -46.85 -0.15
CA THR B 188 3.93 -46.99 -1.30
C THR B 188 2.93 -45.84 -1.28
N ASN B 189 2.66 -45.23 -2.42
CA ASN B 189 1.76 -44.08 -2.44
C ASN B 189 1.30 -43.83 -3.87
N GLN B 190 0.08 -43.30 -3.99
CA GLN B 190 -0.41 -42.70 -5.21
C GLN B 190 -0.51 -41.19 -5.12
N LEU B 191 -0.14 -40.60 -3.98
CA LEU B 191 -0.27 -39.16 -3.73
C LEU B 191 -1.74 -38.76 -3.77
N ASP B 192 -2.20 -38.06 -2.72
CA ASP B 192 -3.58 -37.62 -2.63
C ASP B 192 -3.84 -36.34 -3.44
N VAL B 193 -2.91 -35.96 -4.31
CA VAL B 193 -3.09 -34.78 -5.15
C VAL B 193 -4.39 -34.95 -5.91
N GLY B 194 -5.40 -34.19 -5.54
CA GLY B 194 -6.71 -34.35 -6.14
C GLY B 194 -6.73 -34.09 -7.63
N ASN B 195 -7.64 -33.22 -8.07
CA ASN B 195 -7.83 -32.99 -9.49
C ASN B 195 -6.80 -32.01 -10.04
N ASN B 196 -7.11 -30.71 -10.01
CA ASN B 196 -6.21 -29.73 -10.59
C ASN B 196 -4.93 -29.63 -9.76
N PRO B 197 -3.78 -29.45 -10.41
CA PRO B 197 -2.56 -29.11 -9.65
C PRO B 197 -2.53 -27.66 -9.22
N ARG B 198 -3.46 -26.86 -9.72
CA ARG B 198 -3.47 -25.41 -9.49
C ARG B 198 -4.33 -25.07 -8.28
N VAL B 199 -3.90 -25.61 -7.14
CA VAL B 199 -4.66 -25.47 -5.90
C VAL B 199 -4.24 -24.25 -5.09
N GLY B 200 -3.06 -23.76 -5.30
CA GLY B 200 -2.50 -22.74 -4.41
C GLY B 200 -2.90 -21.31 -4.77
N THR B 201 -2.08 -20.38 -4.30
CA THR B 201 -2.23 -18.97 -4.58
C THR B 201 -1.51 -18.66 -5.91
N LYS B 202 -2.26 -18.10 -6.85
CA LYS B 202 -1.75 -18.00 -8.22
C LYS B 202 -0.46 -17.21 -8.28
N ARG B 203 -0.35 -16.15 -7.46
CA ARG B 203 0.83 -15.29 -7.49
C ARG B 203 2.10 -16.05 -7.14
N TYR B 204 1.99 -17.10 -6.35
CA TYR B 204 3.14 -17.86 -5.89
C TYR B 204 3.37 -19.15 -6.68
N MET B 205 2.56 -19.43 -7.70
CA MET B 205 2.64 -20.69 -8.39
C MET B 205 3.86 -20.81 -9.31
N ALA B 206 4.51 -21.96 -9.26
CA ALA B 206 5.63 -22.22 -10.13
C ALA B 206 5.18 -22.35 -11.59
N PRO B 207 6.09 -22.13 -12.54
CA PRO B 207 5.69 -22.20 -13.96
C PRO B 207 5.08 -23.53 -14.36
N GLU B 208 5.63 -24.65 -13.87
CA GLU B 208 5.11 -25.96 -14.22
C GLU B 208 3.71 -26.18 -13.69
N VAL B 209 3.31 -25.45 -12.63
CA VAL B 209 1.94 -25.49 -12.18
C VAL B 209 1.06 -24.62 -13.06
N LEU B 210 1.53 -23.39 -13.33
CA LEU B 210 0.76 -22.48 -14.18
C LEU B 210 0.48 -23.08 -15.55
N ASP B 211 1.50 -23.67 -16.16
CA ASP B 211 1.33 -24.24 -17.50
C ASP B 211 0.91 -25.71 -17.44
N GLU B 212 0.64 -26.21 -16.23
CA GLU B 212 0.06 -27.55 -16.04
C GLU B 212 0.89 -28.64 -16.71
N THR B 213 2.21 -28.47 -16.70
CA THR B 213 3.12 -29.52 -17.17
C THR B 213 3.74 -30.30 -16.01
N ILE B 214 3.39 -29.93 -14.78
CA ILE B 214 3.90 -30.63 -13.61
C ILE B 214 3.57 -32.12 -13.70
N GLN B 215 4.56 -32.95 -13.39
CA GLN B 215 4.38 -34.41 -13.34
C GLN B 215 3.61 -34.73 -12.07
N VAL B 216 2.27 -34.79 -12.17
CA VAL B 216 1.45 -34.81 -10.96
C VAL B 216 1.69 -36.06 -10.13
N ASP B 217 2.31 -37.08 -10.74
CA ASP B 217 2.60 -38.33 -10.05
C ASP B 217 3.95 -38.35 -9.36
N CYS B 218 4.81 -37.37 -9.62
CA CYS B 218 6.14 -37.33 -9.04
C CYS B 218 6.05 -36.47 -7.77
N PHE B 219 6.21 -37.10 -6.60
CA PHE B 219 6.08 -36.34 -5.37
C PHE B 219 7.14 -35.25 -5.28
N ASP B 220 8.35 -35.53 -5.76
CA ASP B 220 9.39 -34.49 -5.72
C ASP B 220 8.98 -33.25 -6.52
N SER B 221 8.11 -33.39 -7.52
CA SER B 221 7.55 -32.24 -8.21
C SER B 221 6.93 -31.25 -7.22
N TYR B 222 6.24 -31.76 -6.21
CA TYR B 222 5.57 -30.89 -5.27
C TYR B 222 6.54 -30.19 -4.35
N LYS B 223 7.64 -30.86 -3.96
CA LYS B 223 8.67 -30.18 -3.18
C LYS B 223 9.26 -29.01 -3.94
N ARG B 224 9.49 -29.20 -5.25
CA ARG B 224 10.13 -28.18 -6.05
C ARG B 224 9.23 -26.99 -6.23
N VAL B 225 7.92 -27.22 -6.17
CA VAL B 225 6.96 -26.12 -6.24
C VAL B 225 7.01 -25.32 -4.95
N ASP B 226 7.20 -26.00 -3.81
CA ASP B 226 7.39 -25.27 -2.56
C ASP B 226 8.62 -24.39 -2.60
N ILE B 227 9.71 -24.89 -3.22
CA ILE B 227 10.95 -24.13 -3.26
C ILE B 227 10.78 -22.85 -4.09
N TRP B 228 10.12 -22.94 -5.21
CA TRP B 228 9.80 -21.72 -5.98
C TRP B 228 9.13 -20.71 -5.08
N ALA B 229 8.09 -21.13 -4.38
CA ALA B 229 7.38 -20.19 -3.51
C ALA B 229 8.28 -19.66 -2.40
N PHE B 230 9.09 -20.51 -1.84
CA PHE B 230 10.02 -20.08 -0.80
C PHE B 230 10.92 -18.98 -1.33
N GLY B 231 11.38 -19.12 -2.59
CA GLY B 231 12.24 -18.09 -3.13
C GLY B 231 11.54 -16.75 -3.17
N LEU B 232 10.25 -16.78 -3.45
CA LEU B 232 9.48 -15.55 -3.47
C LEU B 232 9.35 -14.98 -2.06
N VAL B 233 9.18 -15.84 -1.06
CA VAL B 233 9.09 -15.35 0.32
C VAL B 233 10.42 -14.74 0.74
N LEU B 234 11.53 -15.35 0.31
CA LEU B 234 12.84 -14.79 0.64
C LEU B 234 12.96 -13.37 0.07
N TRP B 235 12.46 -13.16 -1.14
CA TRP B 235 12.45 -11.84 -1.76
C TRP B 235 11.60 -10.87 -0.95
N GLU B 236 10.42 -11.30 -0.52
CA GLU B 236 9.55 -10.42 0.26
C GLU B 236 10.21 -9.97 1.54
N VAL B 237 10.89 -10.89 2.23
CA VAL B 237 11.52 -10.60 3.51
C VAL B 237 12.72 -9.67 3.29
N ALA B 238 13.57 -10.02 2.31
CA ALA B 238 14.82 -9.29 2.10
C ALA B 238 14.58 -7.82 1.82
N ARG B 239 13.50 -7.52 1.09
CA ARG B 239 13.17 -6.12 0.83
C ARG B 239 13.09 -5.30 2.11
N ARG B 240 12.73 -5.93 3.23
CA ARG B 240 12.55 -5.20 4.49
C ARG B 240 13.77 -5.23 5.38
N MET B 241 14.89 -5.80 4.92
CA MET B 241 16.13 -5.71 5.69
C MET B 241 16.80 -4.38 5.42
N VAL B 242 17.05 -3.60 6.48
CA VAL B 242 17.70 -2.30 6.35
C VAL B 242 19.19 -2.50 6.05
N SER B 243 19.73 -1.68 5.17
CA SER B 243 21.17 -1.62 4.95
C SER B 243 21.52 -0.16 4.70
N ASN B 244 22.43 0.37 5.50
CA ASN B 244 22.81 1.79 5.38
C ASN B 244 21.59 2.68 5.44
N GLY B 245 20.66 2.35 6.34
CA GLY B 245 19.43 3.13 6.44
C GLY B 245 18.51 3.05 5.24
N ILE B 246 18.75 2.15 4.30
CA ILE B 246 17.95 1.99 3.10
C ILE B 246 17.08 0.73 3.24
N VAL B 247 15.84 0.79 2.75
CA VAL B 247 14.94 -0.36 2.77
C VAL B 247 13.85 -0.13 1.74
N GLU B 248 13.30 -1.22 1.19
CA GLU B 248 12.15 -1.15 0.31
C GLU B 248 10.85 -1.37 1.10
N ASP B 249 9.76 -0.78 0.60
CA ASP B 249 8.44 -1.00 1.17
C ASP B 249 8.02 -2.44 0.92
N TYR B 250 7.09 -2.93 1.75
CA TYR B 250 6.55 -4.25 1.50
C TYR B 250 5.81 -4.25 0.17
N LYS B 251 6.08 -5.27 -0.65
CA LYS B 251 5.40 -5.53 -1.92
C LYS B 251 5.23 -7.05 -2.05
N PRO B 252 4.08 -7.52 -2.48
CA PRO B 252 3.93 -8.93 -2.80
C PRO B 252 4.70 -9.28 -4.09
N PRO B 253 5.08 -10.54 -4.25
CA PRO B 253 5.82 -10.94 -5.46
C PRO B 253 5.08 -10.54 -6.73
N PHE B 254 5.82 -10.00 -7.69
CA PHE B 254 5.32 -9.61 -9.00
C PHE B 254 4.31 -8.46 -8.95
N TYR B 255 4.37 -7.65 -7.89
CA TYR B 255 3.45 -6.51 -7.76
C TYR B 255 3.47 -5.61 -8.99
N ASP B 256 4.61 -5.47 -9.64
CA ASP B 256 4.78 -4.47 -10.71
C ASP B 256 4.46 -5.02 -12.10
N VAL B 257 4.01 -6.28 -12.21
CA VAL B 257 3.81 -6.87 -13.51
C VAL B 257 2.45 -7.56 -13.63
N VAL B 258 1.72 -7.70 -12.53
CA VAL B 258 0.40 -8.31 -12.58
C VAL B 258 -0.53 -7.56 -11.65
N PRO B 259 -1.83 -7.68 -11.89
CA PRO B 259 -2.82 -7.01 -11.03
C PRO B 259 -3.09 -7.78 -9.75
N ASN B 260 -3.83 -7.15 -8.85
CA ASN B 260 -4.30 -7.87 -7.67
C ASN B 260 -5.22 -8.98 -8.11
N ASP B 261 -5.20 -10.08 -7.38
CA ASP B 261 -5.97 -11.28 -7.73
C ASP B 261 -5.65 -11.63 -9.20
N PRO B 262 -4.38 -11.81 -9.54
CA PRO B 262 -4.03 -12.08 -10.94
C PRO B 262 -4.65 -13.37 -11.44
N SER B 263 -4.89 -13.42 -12.76
CA SER B 263 -5.42 -14.60 -13.41
C SER B 263 -4.30 -15.62 -13.71
N PHE B 264 -4.71 -16.82 -14.09
CA PHE B 264 -3.74 -17.83 -14.52
C PHE B 264 -2.94 -17.31 -15.72
N GLU B 265 -3.61 -16.74 -16.71
CA GLU B 265 -2.91 -16.29 -17.90
C GLU B 265 -2.02 -15.10 -17.60
N ASP B 266 -2.42 -14.22 -16.67
CA ASP B 266 -1.53 -13.17 -16.24
C ASP B 266 -0.19 -13.76 -15.79
N MET B 267 -0.26 -14.75 -14.89
CA MET B 267 0.95 -15.35 -14.35
C MET B 267 1.72 -16.15 -15.41
N ARG B 268 1.00 -16.83 -16.30
CA ARG B 268 1.68 -17.67 -17.29
C ARG B 268 2.55 -16.83 -18.21
N LYS B 269 2.05 -15.67 -18.63
CA LYS B 269 2.85 -14.83 -19.52
C LYS B 269 4.09 -14.29 -18.83
N VAL B 270 3.95 -13.82 -17.59
CA VAL B 270 5.11 -13.30 -16.85
C VAL B 270 6.13 -14.41 -16.61
N VAL B 271 5.69 -15.52 -16.02
CA VAL B 271 6.62 -16.51 -15.49
C VAL B 271 6.99 -17.58 -16.50
N CYS B 272 6.06 -17.97 -17.37
CA CYS B 272 6.35 -19.04 -18.32
C CYS B 272 6.84 -18.50 -19.66
N VAL B 273 6.08 -17.58 -20.27
CA VAL B 273 6.45 -17.10 -21.59
C VAL B 273 7.67 -16.16 -21.51
N ASP B 274 7.57 -15.12 -20.67
CA ASP B 274 8.66 -14.17 -20.54
C ASP B 274 9.75 -14.64 -19.59
N GLN B 275 9.46 -15.60 -18.73
CA GLN B 275 10.43 -16.12 -17.76
C GLN B 275 10.92 -14.99 -16.85
N GLN B 276 10.00 -14.10 -16.47
CA GLN B 276 10.32 -13.02 -15.54
C GLN B 276 10.39 -13.53 -14.12
N ARG B 277 11.12 -12.78 -13.28
CA ARG B 277 11.30 -13.07 -11.87
C ARG B 277 11.24 -11.75 -11.12
N PRO B 278 11.00 -11.79 -9.81
CA PRO B 278 11.02 -10.55 -9.03
C PRO B 278 12.36 -9.85 -9.24
N ASN B 279 12.33 -8.52 -9.30
CA ASN B 279 13.54 -7.77 -9.57
C ASN B 279 14.30 -7.54 -8.28
N ILE B 280 15.63 -7.57 -8.37
CA ILE B 280 16.51 -7.41 -7.22
C ILE B 280 16.85 -5.94 -7.07
N PRO B 281 16.49 -5.29 -5.96
CA PRO B 281 16.91 -3.89 -5.76
C PRO B 281 18.43 -3.77 -5.85
N ASN B 282 18.89 -2.74 -6.57
CA ASN B 282 20.33 -2.53 -6.72
C ASN B 282 21.02 -2.46 -5.36
N ARG B 283 20.39 -1.83 -4.38
CA ARG B 283 21.08 -1.62 -3.11
C ARG B 283 21.41 -2.93 -2.40
N TRP B 284 20.71 -4.02 -2.72
CA TRP B 284 21.09 -5.28 -2.11
C TRP B 284 22.55 -5.60 -2.37
N PHE B 285 23.10 -5.14 -3.51
CA PHE B 285 24.49 -5.45 -3.79
C PHE B 285 25.45 -4.49 -3.10
N SER B 286 24.96 -3.68 -2.17
CA SER B 286 25.84 -2.93 -1.28
C SER B 286 26.04 -3.64 0.05
N ASP B 287 25.34 -4.76 0.29
CA ASP B 287 25.38 -5.44 1.57
C ASP B 287 25.68 -6.92 1.36
N PRO B 288 26.62 -7.50 2.11
CA PRO B 288 26.96 -8.92 1.89
C PRO B 288 25.82 -9.88 2.14
N THR B 289 25.03 -9.67 3.20
CA THR B 289 23.93 -10.60 3.47
C THR B 289 22.89 -10.56 2.35
N LEU B 290 22.49 -9.37 1.93
CA LEU B 290 21.48 -9.28 0.87
C LEU B 290 22.03 -9.77 -0.48
N THR B 291 23.32 -9.59 -0.73
CA THR B 291 23.92 -10.15 -1.94
C THR B 291 23.81 -11.66 -1.94
N SER B 292 24.07 -12.30 -0.78
CA SER B 292 23.98 -13.75 -0.69
C SER B 292 22.55 -14.24 -0.86
N LEU B 293 21.59 -13.52 -0.25
CA LEU B 293 20.20 -13.92 -0.37
C LEU B 293 19.71 -13.81 -1.82
N ALA B 294 20.14 -12.79 -2.54
CA ALA B 294 19.76 -12.66 -3.94
C ALA B 294 20.20 -13.88 -4.73
N LYS B 295 21.45 -14.30 -4.53
CA LYS B 295 21.94 -15.50 -5.21
C LYS B 295 21.06 -16.68 -4.86
N LEU B 296 20.71 -16.80 -3.58
CA LEU B 296 19.97 -17.96 -3.10
C LEU B 296 18.57 -17.98 -3.69
N MET B 297 17.89 -16.85 -3.68
CA MET B 297 16.51 -16.87 -4.18
C MET B 297 16.49 -17.14 -5.67
N LYS B 298 17.52 -16.71 -6.40
CA LYS B 298 17.58 -17.02 -7.83
C LYS B 298 17.74 -18.52 -8.05
N GLU B 299 18.46 -19.21 -7.15
CA GLU B 299 18.60 -20.66 -7.24
C GLU B 299 17.33 -21.38 -6.85
N CYS B 300 16.31 -20.69 -6.33
CA CYS B 300 15.00 -21.25 -6.08
C CYS B 300 14.05 -21.03 -7.25
N TRP B 301 14.44 -20.23 -8.22
CA TRP B 301 13.54 -19.78 -9.29
C TRP B 301 13.92 -20.30 -10.66
N TYR B 302 14.76 -21.33 -10.75
CA TYR B 302 15.05 -21.90 -12.07
C TYR B 302 13.75 -22.38 -12.73
N GLN B 303 13.63 -22.12 -14.04
CA GLN B 303 12.52 -22.64 -14.82
C GLN B 303 12.49 -24.17 -14.76
N ASN B 304 13.65 -24.80 -14.83
CA ASN B 304 13.75 -26.24 -14.70
C ASN B 304 13.62 -26.63 -13.23
N PRO B 305 12.54 -27.33 -12.85
CA PRO B 305 12.33 -27.59 -11.42
C PRO B 305 13.47 -28.38 -10.80
N SER B 306 14.04 -29.30 -11.55
CA SER B 306 15.13 -30.13 -11.05
C SER B 306 16.37 -29.33 -10.71
N ALA B 307 16.53 -28.12 -11.27
CA ALA B 307 17.72 -27.33 -10.96
C ALA B 307 17.59 -26.57 -9.65
N ARG B 308 16.37 -26.39 -9.15
CA ARG B 308 16.16 -25.63 -7.92
C ARG B 308 16.81 -26.32 -6.71
N LEU B 309 17.33 -25.52 -5.79
CA LEU B 309 17.90 -26.05 -4.57
C LEU B 309 16.85 -26.81 -3.77
N THR B 310 17.32 -27.74 -2.93
CA THR B 310 16.47 -28.39 -1.96
C THR B 310 16.35 -27.54 -0.70
N ALA B 311 15.31 -27.83 0.09
CA ALA B 311 15.15 -27.10 1.34
C ALA B 311 16.37 -27.30 2.24
N LEU B 312 16.96 -28.47 2.21
CA LEU B 312 18.12 -28.70 3.10
C LEU B 312 19.34 -27.89 2.64
N ARG B 313 19.54 -27.81 1.32
CA ARG B 313 20.62 -26.98 0.81
C ARG B 313 20.39 -25.52 1.13
N ILE B 314 19.15 -25.04 1.03
CA ILE B 314 18.85 -23.65 1.39
C ILE B 314 19.20 -23.42 2.87
N LYS B 315 18.74 -24.34 3.73
CA LYS B 315 19.01 -24.17 5.16
C LYS B 315 20.49 -24.11 5.42
N LYS B 316 21.24 -24.98 4.78
CA LYS B 316 22.69 -25.01 4.94
C LYS B 316 23.30 -23.67 4.54
N THR B 317 22.92 -23.15 3.36
CA THR B 317 23.47 -21.88 2.90
C THR B 317 23.15 -20.75 3.88
N LEU B 318 21.89 -20.67 4.32
CA LEU B 318 21.53 -19.63 5.29
C LEU B 318 22.31 -19.80 6.59
N THR B 319 22.56 -21.04 7.00
CA THR B 319 23.33 -21.25 8.23
C THR B 319 24.73 -20.69 8.10
N LYS B 320 25.30 -20.71 6.90
CA LYS B 320 26.66 -20.24 6.73
C LYS B 320 26.75 -18.73 6.55
N ILE B 321 25.66 -18.04 6.19
CA ILE B 321 25.70 -16.59 6.03
C ILE B 321 25.79 -15.89 7.39
N ASP B 322 25.07 -16.39 8.40
CA ASP B 322 25.19 -15.83 9.74
C ASP B 322 26.35 -16.47 10.50
C28 A1A3D C . -10.56 25.19 2.29
C27 A1A3D C . -10.90 25.43 3.64
C26 A1A3D C . -10.50 26.68 4.38
C25 A1A3D C . -12.20 29.49 2.39
C23 A1A3D C . -11.34 29.10 -2.66
C21 A1A3D C . -11.74 29.29 -0.21
C18 A1A3D C . -11.11 28.36 2.57
C16 A1A3D C . -10.22 28.89 4.95
C15 A1A3D C . -9.88 28.04 6.03
C14 A1A3D C . -9.41 28.63 7.22
C12 A1A3D C . -9.64 30.88 6.29
C11 A1A3D C . -7.51 34.95 7.10
C02 A1A3D C . -9.61 32.40 6.38
C04 A1A3D C . -9.93 34.64 7.68
C05 A1A3D C . -8.58 35.32 8.12
C06 A1A3D C . -8.70 36.86 8.20
C07 A1A3D C . -7.73 37.54 7.32
C09 A1A3D C . -5.44 37.89 6.89
C10 A1A3D C . -6.13 35.72 7.35
C13 A1A3D C . -9.32 29.99 7.35
C19 A1A3D C . -10.18 29.34 1.72
C20 A1A3D C . -11.47 29.95 1.12
C29 A1A3D C . -10.99 24.05 1.59
C31 A1A3D C . -9.66 24.76 -0.28
C32 A1A3D C . -11.86 23.12 2.17
C34 A1A3D C . -11.59 20.82 1.88
C35 A1A3D C . -12.21 23.34 3.53
C37 A1A3D C . -13.34 22.60 5.40
C38 A1A3D C . -11.76 24.49 4.23
C40 A1A3D C . -10.10 30.30 5.12
N03 A1A3D C . -9.87 33.15 7.56
N08 A1A3D C . -6.34 37.15 7.72
N17 A1A3D C . -10.65 28.02 3.91
N22 A1A3D C . -11.09 29.74 -1.35
N39 A1A3D C . -10.09 26.68 5.66
O01 A1A3D C . -9.49 33.00 5.31
O24 A1A3D C . -12.49 28.33 -0.31
O30 A1A3D C . -10.64 23.87 0.25
O33 A1A3D C . -12.24 22.02 1.47
O36 A1A3D C . -13.06 22.43 4.09
H281 A1A3D C . -9.95 25.89 1.73
H251 A1A3D C . -13.23 29.12 2.24
H252 A1A3D C . -12.25 30.22 3.21
H231 A1A3D C . -11.40 29.83 -3.48
H233 A1A3D C . -12.29 28.53 -2.68
H232 A1A3D C . -10.55 28.38 -2.93
H181 A1A3D C . -11.37 27.39 2.11
H141 A1A3D C . -9.11 28.01 8.07
H112 A1A3D C . -7.34 33.86 7.11
H111 A1A3D C . -7.87 35.16 6.07
H041 A1A3D C . -10.25 35.10 6.72
H042 A1A3D C . -10.72 34.94 8.40
H051 A1A3D C . -8.24 35.00 9.13
H061 A1A3D C . -9.72 37.21 7.95
H062 A1A3D C . -8.55 37.22 9.24
H071 A1A3D C . -7.96 37.27 6.26
H072 A1A3D C . -7.91 38.64 7.38
H093 A1A3D C . -5.70 38.97 6.95
H092 A1A3D C . -5.54 37.54 5.85
H091 A1A3D C . -4.41 37.74 7.24
H101 A1A3D C . -5.53 35.24 8.16
H102 A1A3D C . -5.47 35.69 6.46
H131 A1A3D C . -9.00 30.43 8.30
H191 A1A3D C . -9.55 30.06 2.24
H192 A1A3D C . -9.51 28.91 0.98
H201 A1A3D C . -11.51 31.06 1.01
H311 A1A3D C . -9.30 24.40 -1.26
H313 A1A3D C . -8.81 24.85 0.40
H312 A1A3D C . -10.09 25.77 -0.43
H341 A1A3D C . -12.10 19.92 1.48
H342 A1A3D C . -11.57 20.71 2.98
H343 A1A3D C . -10.55 20.77 1.54
H372 A1A3D C . -13.80 21.67 5.77
H371 A1A3D C . -14.05 23.44 5.48
H373 A1A3D C . -12.40 22.80 5.93
H381 A1A3D C . -12.15 24.61 5.24
H401 A1A3D C . -10.36 30.99 4.31
H031 A1A3D C . -10.03 32.68 8.44
H221 A1A3D C . -10.44 30.51 -1.33
P PO4 D . -8.09 31.26 -9.45
O1 PO4 D . -7.15 32.41 -8.98
O2 PO4 D . -9.58 31.63 -9.32
O3 PO4 D . -7.71 30.03 -8.57
O4 PO4 D . -7.78 30.86 -10.95
P PO4 E . -10.11 33.05 -12.61
O1 PO4 E . -10.23 33.40 -11.06
O2 PO4 E . -9.00 31.96 -12.80
O3 PO4 E . -11.45 32.49 -13.14
O4 PO4 E . -9.71 34.37 -13.35
P PO4 F . -1.89 25.77 12.05
O1 PO4 F . -2.47 26.41 10.75
O2 PO4 F . -1.59 24.24 11.84
O3 PO4 F . -0.54 26.46 12.44
O4 PO4 F . -3.01 25.98 13.12
P PO4 G . -3.37 19.49 9.00
O1 PO4 G . -3.74 18.24 9.81
O2 PO4 G . -2.53 20.48 9.92
O3 PO4 G . -2.41 19.04 7.82
O4 PO4 G . -4.61 20.23 8.44
C28 A1A3D H . -3.03 -19.03 10.88
C27 A1A3D H . -3.40 -18.74 12.22
C26 A1A3D H . -3.22 -17.41 12.85
C25 A1A3D H . -5.08 -14.99 10.52
C23 A1A3D H . -4.71 -15.94 5.53
C21 A1A3D H . -4.63 -15.62 8.01
C18 A1A3D H . -3.93 -16.03 10.88
C16 A1A3D H . -3.28 -15.14 13.15
C15 A1A3D H . -2.82 -15.76 14.33
C14 A1A3D H . -2.57 -14.93 15.44
C12 A1A3D H . -3.02 -12.89 14.13
C11 A1A3D H . -2.11 -7.82 17.19
C02 A1A3D H . -3.28 -11.39 13.84
C04 A1A3D H . -2.74 -10.06 16.02
C05 A1A3D H . -2.06 -8.65 15.93
C06 A1A3D H . -0.57 -8.58 15.45
C07 A1A3D H . -0.16 -7.21 15.06
C09 A1A3D H . -0.82 -4.92 15.15
C10 A1A3D H . -1.64 -6.35 16.84
C13 A1A3D H . -2.67 -13.54 15.32
C19 A1A3D H . -3.06 -15.14 9.91
C20 A1A3D H . -4.36 -14.71 9.18
C29 A1A3D H . -3.30 -20.27 10.26
C31 A1A3D H . -2.32 -19.44 8.23
C32 A1A3D H . -4.00 -21.27 10.92
C34 A1A3D H . -3.54 -23.58 10.79
C35 A1A3D H . -4.41 -20.99 12.23
C37 A1A3D H . -5.39 -21.70 14.17
C38 A1A3D H . -4.15 -19.75 12.86
C40 A1A3D H . -3.34 -13.73 13.09
N03 A1A3D H . -3.26 -10.28 14.66
N08 A1A3D H . -1.28 -6.26 15.37
N17 A1A3D H . -3.51 -16.15 12.23
N22 A1A3D H . -4.46 -15.12 6.72
N39 A1A3D H . -2.86 -17.21 14.14
O01 A1A3D H . -3.74 -11.15 12.73
O24 A1A3D H . -4.97 -16.81 8.16
O30 A1A3D H . -2.87 -20.53 8.95
O33 A1A3D H . -4.25 -22.46 10.30
O36 A1A3D H . -5.09 -21.98 12.87
H281 A1A3D H . -2.50 -18.30 10.27
H251 A1A3D H . -6.09 -15.42 10.44
H252 A1A3D H . -5.17 -14.13 11.21
H231 A1A3D H . -4.92 -15.35 4.63
H233 A1A3D H . -5.57 -16.63 5.66
H232 A1A3D H . -3.84 -16.59 5.27
H181 A1A3D H . -4.14 -17.08 10.55
H141 A1A3D H . -2.28 -15.35 16.40
H112 A1A3D H . -3.14 -7.81 17.63
H111 A1A3D H . -1.47 -8.25 17.99
H041 A1A3D H . -3.52 -10.08 16.81
H042 A1A3D H . -2.01 -10.83 16.34
H051 A1A3D H . -2.65 -8.11 15.15
H061 A1A3D H . 0.13 -8.96 16.22
H062 A1A3D H . -0.39 -9.27 14.59
H071 A1A3D H . 0.79 -6.96 15.60
H072 A1A3D H . 0.12 -7.22 13.98
H093 A1A3D H . 0.11 -4.95 14.56
H092 A1A3D H . -0.64 -4.44 16.12
H091 A1A3D H . -1.60 -4.37 14.60
H101 A1A3D H . -0.76 -6.03 17.44
H102 A1A3D H . -2.42 -5.58 17.05
H131 A1A3D H . -2.47 -12.92 16.20
H191 A1A3D H . -2.48 -14.31 10.32
H192 A1A3D H . -2.32 -15.63 9.26
H201 A1A3D H . -4.44 -13.65 8.87
H311 A1A3D H . -1.98 -19.76 7.23
H313 A1A3D H . -1.45 -19.01 8.75
H312 A1A3D H . -3.08 -18.64 8.09
H341 A1A3D H . -3.97 -24.54 10.42
H342 A1A3D H . -3.55 -23.64 11.89
H343 A1A3D H . -2.48 -23.57 10.48
H372 A1A3D H . -5.85 -22.62 14.60
H371 A1A3D H . -6.10 -20.87 14.19
H373 A1A3D H . -4.45 -21.45 14.70
H381 A1A3D H . -4.56 -19.63 13.87
H401 A1A3D H . -3.67 -13.23 12.18
H031 A1A3D H . -3.67 -9.42 14.32
H221 A1A3D H . -4.16 -14.17 6.57
P PO4 I . 4.73 -23.42 17.62
O1 PO4 I . 5.43 -22.29 18.45
O2 PO4 I . 4.36 -24.66 18.45
O3 PO4 I . 3.42 -22.78 17.03
O4 PO4 I . 5.72 -23.81 16.46
P PO4 J . -1.35 -13.15 -1.31
O1 PO4 J . -0.53 -11.85 -0.87
O2 PO4 J . -0.91 -13.45 -2.77
O3 PO4 J . -1.02 -14.37 -0.40
O4 PO4 J . -2.86 -12.85 -1.15
P PO4 K . -3.44 -11.63 -4.59
O1 PO4 K . -3.18 -10.28 -5.35
O2 PO4 K . -2.14 -12.51 -4.82
O3 PO4 K . -3.68 -11.34 -3.08
O4 PO4 K . -4.66 -12.40 -5.17
P PO4 L . 5.17 -16.83 20.59
O1 PO4 L . 6.42 -15.95 20.97
O2 PO4 L . 4.18 -16.83 21.81
O3 PO4 L . 4.48 -16.16 19.35
O4 PO4 L . 5.70 -18.25 20.30
P PO4 M . -22.51 -14.63 16.09
O1 PO4 M . -21.61 -13.66 16.95
O2 PO4 M . -24.02 -14.33 16.41
O3 PO4 M . -22.20 -14.31 14.62
O4 PO4 M . -22.21 -16.13 16.44
P PO4 N . 7.54 -35.22 13.59
O1 PO4 N . 6.21 -35.85 13.02
O2 PO4 N . 8.79 -35.92 12.94
O3 PO4 N . 7.55 -33.68 13.27
O4 PO4 N . 7.60 -35.42 15.15
#